data_3MQW
#
_entry.id   3MQW
#
_cell.length_a   84.000
_cell.length_b   99.720
_cell.length_c   106.100
_cell.angle_alpha   90.00
_cell.angle_beta   90.00
_cell.angle_gamma   90.00
#
_symmetry.space_group_name_H-M   'P 21 21 21'
#
loop_
_entity.id
_entity.type
_entity.pdbx_description
1 polymer 'putative Endoribonuclease L-PSP'
2 non-polymer 'CITRATE ANION'
3 non-polymer GLYCEROL
4 non-polymer 'SULFATE ION'
5 water water
#
_entity_poly.entity_id   1
_entity_poly.type   'polypeptide(L)'
_entity_poly.pdbx_seq_one_letter_code
;MAHHHHHHMGTLEAQTQGPGSMSKLTVVASPLAPEAVGAYSQAIICNGMVYCSGQIGLDRKTGDFAGKTIEEQSKQVMTN
LKYVLEEAGSSMDKVVKTTCLLADIKDFGVFNGIYAEAFGNHKPARACFAAAALPKGALVEVECIATL
;
_entity_poly.pdbx_strand_id   A,B,C,D,E,F
#
loop_
_chem_comp.id
_chem_comp.type
_chem_comp.name
_chem_comp.formula
FLC non-polymer 'CITRATE ANION' 'C6 H5 O7 -3'
GOL non-polymer GLYCEROL 'C3 H8 O3'
SO4 non-polymer 'SULFATE ION' 'O4 S -2'
#
# COMPACT_ATOMS: atom_id res chain seq x y z
N GLN A 15 -2.46 -12.08 16.77
CA GLN A 15 -3.46 -11.32 17.61
C GLN A 15 -2.85 -10.19 18.45
N THR A 16 -3.60 -9.10 18.59
CA THR A 16 -3.19 -7.97 19.44
C THR A 16 -3.00 -8.38 20.91
N GLN A 17 -2.09 -7.68 21.59
CA GLN A 17 -1.83 -7.95 23.01
C GLN A 17 -1.96 -6.64 23.82
N GLY A 18 -3.12 -5.98 23.73
CA GLY A 18 -3.38 -4.73 24.48
C GLY A 18 -3.03 -3.48 23.66
N PRO A 19 -3.56 -2.29 24.06
CA PRO A 19 -3.31 -1.09 23.24
C PRO A 19 -1.83 -0.81 22.95
N MET A 22 0.47 -3.56 18.88
CA MET A 22 0.55 -3.38 17.43
C MET A 22 0.80 -1.90 17.12
N SER A 23 1.84 -1.61 16.34
CA SER A 23 2.14 -0.21 15.94
C SER A 23 2.53 -0.13 14.49
N LYS A 24 2.63 1.10 13.96
CA LYS A 24 2.86 1.25 12.54
C LYS A 24 4.19 0.67 12.06
N LEU A 25 5.24 0.84 12.88
CA LEU A 25 6.57 0.24 12.62
C LEU A 25 6.80 -0.84 13.65
N THR A 26 7.25 -2.02 13.22
CA THR A 26 7.52 -3.12 14.12
C THR A 26 8.99 -3.43 13.99
N VAL A 27 9.66 -3.52 15.13
CA VAL A 27 11.08 -3.93 15.15
C VAL A 27 11.17 -5.44 15.07
N VAL A 28 12.03 -5.95 14.19
CA VAL A 28 12.30 -7.38 14.07
C VAL A 28 13.60 -7.64 14.81
N ALA A 29 13.58 -8.61 15.74
CA ALA A 29 14.78 -8.96 16.51
C ALA A 29 14.87 -10.48 16.67
N SER A 30 15.59 -11.14 15.74
CA SER A 30 15.80 -12.58 15.80
C SER A 30 16.98 -12.88 16.74
N PRO A 31 16.83 -13.83 17.68
CA PRO A 31 17.95 -14.17 18.57
C PRO A 31 18.97 -15.04 17.84
N LEU A 32 18.71 -15.40 16.57
CA LEU A 32 19.60 -16.28 15.81
C LEU A 32 20.56 -15.50 14.88
N ALA A 33 20.12 -14.31 14.49
CA ALA A 33 20.93 -13.44 13.61
C ALA A 33 21.80 -12.55 14.49
N PRO A 34 22.85 -11.91 13.92
CA PRO A 34 23.70 -11.04 14.76
C PRO A 34 22.88 -9.98 15.49
N GLU A 35 23.24 -9.73 16.74
CA GLU A 35 22.49 -8.81 17.57
C GLU A 35 22.65 -7.38 17.04
N ALA A 36 21.53 -6.65 16.94
CA ALA A 36 21.58 -5.25 16.50
C ALA A 36 21.92 -4.41 17.73
N VAL A 37 23.20 -4.19 17.93
CA VAL A 37 23.66 -3.39 19.05
C VAL A 37 24.00 -2.06 18.37
N GLY A 38 23.36 -1.01 18.79
CA GLY A 38 23.67 0.24 18.15
C GLY A 38 22.42 0.89 17.62
N ALA A 39 22.65 1.81 16.70
CA ALA A 39 21.60 2.73 16.31
C ALA A 39 20.72 2.16 15.18
N TYR A 40 20.53 0.84 15.13
CA TYR A 40 19.77 0.24 13.99
C TYR A 40 19.08 -1.04 14.52
N SER A 41 18.13 -1.54 13.73
CA SER A 41 17.44 -2.78 14.00
C SER A 41 17.72 -3.76 12.89
N GLN A 42 17.57 -5.05 13.17
CA GLN A 42 17.79 -6.04 12.10
C GLN A 42 16.84 -5.80 10.91
N ALA A 43 15.57 -5.52 11.19
CA ALA A 43 14.61 -5.19 10.13
C ALA A 43 13.48 -4.37 10.74
N ILE A 44 12.79 -3.63 9.89
CA ILE A 44 11.56 -2.93 10.33
C ILE A 44 10.42 -3.38 9.44
N ILE A 45 9.26 -3.70 10.02
CA ILE A 45 8.07 -3.99 9.22
C ILE A 45 7.21 -2.72 9.14
N CYS A 46 6.76 -2.38 7.93
CA CYS A 46 5.87 -1.22 7.73
C CYS A 46 4.90 -1.49 6.59
N ASN A 47 3.60 -1.32 6.88
CA ASN A 47 2.51 -1.58 5.92
C ASN A 47 2.69 -2.91 5.15
N GLY A 48 2.99 -3.99 5.89
CA GLY A 48 2.99 -5.31 5.25
C GLY A 48 4.30 -5.62 4.51
N MET A 49 5.30 -4.74 4.58
CA MET A 49 6.60 -4.97 3.91
C MET A 49 7.70 -5.00 4.97
N VAL A 50 8.72 -5.82 4.73
CA VAL A 50 9.81 -5.98 5.66
C VAL A 50 11.11 -5.39 5.04
N TYR A 51 11.69 -4.40 5.73
CA TYR A 51 12.87 -3.66 5.26
C TYR A 51 14.03 -4.15 6.08
N CYS A 52 14.95 -4.89 5.44
CA CYS A 52 16.00 -5.62 6.19
C CYS A 52 17.32 -4.85 6.06
N SER A 53 18.00 -4.70 7.19
CA SER A 53 19.37 -4.18 7.24
C SER A 53 20.34 -5.00 6.42
N GLY A 54 21.46 -4.40 6.01
CA GLY A 54 22.52 -5.19 5.31
C GLY A 54 23.22 -6.12 6.26
N GLN A 55 22.97 -7.41 6.13
CA GLN A 55 23.59 -8.44 6.94
C GLN A 55 25.03 -8.63 6.50
N ILE A 56 25.91 -8.79 7.46
CA ILE A 56 27.28 -9.23 7.17
C ILE A 56 27.46 -10.63 7.79
N GLY A 57 28.61 -11.26 7.52
CA GLY A 57 28.74 -12.73 7.75
C GLY A 57 29.15 -13.07 9.16
N LEU A 58 28.57 -12.36 10.14
CA LEU A 58 28.84 -12.64 11.57
C LEU A 58 27.98 -13.83 12.00
N ASP A 59 28.59 -14.67 12.84
CA ASP A 59 27.88 -15.80 13.45
C ASP A 59 27.46 -15.35 14.86
N ARG A 60 26.14 -15.25 15.11
CA ARG A 60 25.66 -14.82 16.45
C ARG A 60 26.31 -15.61 17.62
N LYS A 61 26.61 -16.88 17.37
CA LYS A 61 27.15 -17.75 18.41
C LYS A 61 28.52 -17.27 18.90
N THR A 62 29.36 -16.77 18.00
CA THR A 62 30.72 -16.37 18.39
C THR A 62 30.89 -14.87 18.49
N GLY A 63 29.99 -14.16 17.79
CA GLY A 63 30.08 -12.73 17.56
C GLY A 63 31.14 -12.35 16.54
N ASP A 64 31.70 -13.34 15.85
CA ASP A 64 32.75 -13.03 14.90
CA ASP A 64 32.80 -13.14 14.92
C ASP A 64 32.34 -13.53 13.52
N PHE A 65 33.13 -13.15 12.51
CA PHE A 65 32.86 -13.66 11.17
C PHE A 65 32.93 -15.19 11.13
N ALA A 66 32.08 -15.77 10.29
CA ALA A 66 32.00 -17.22 10.19
C ALA A 66 33.31 -17.79 9.62
N GLY A 67 34.05 -16.96 8.90
CA GLY A 67 35.41 -17.31 8.47
C GLY A 67 36.00 -16.15 7.69
N LYS A 68 37.23 -16.31 7.21
CA LYS A 68 37.91 -15.23 6.53
C LYS A 68 37.68 -15.28 4.99
N THR A 69 36.93 -16.26 4.50
CA THR A 69 36.70 -16.43 3.04
C THR A 69 35.35 -15.93 2.54
N ILE A 70 35.30 -15.52 1.28
CA ILE A 70 34.03 -15.11 0.70
C ILE A 70 33.01 -16.26 0.74
N GLU A 71 33.46 -17.50 0.55
CA GLU A 71 32.58 -18.64 0.64
C GLU A 71 31.90 -18.71 2.03
N GLU A 72 32.71 -18.70 3.10
CA GLU A 72 32.12 -18.80 4.44
C GLU A 72 31.25 -17.62 4.87
N GLN A 73 31.71 -16.41 4.57
CA GLN A 73 30.90 -15.22 4.87
C GLN A 73 29.60 -15.16 4.05
N SER A 74 29.67 -15.57 2.79
CA SER A 74 28.46 -15.52 1.96
C SER A 74 27.41 -16.47 2.46
N LYS A 75 27.82 -17.68 2.81
CA LYS A 75 26.86 -18.63 3.39
C LYS A 75 26.25 -18.09 4.69
N GLN A 76 27.07 -17.47 5.53
CA GLN A 76 26.54 -16.92 6.81
C GLN A 76 25.58 -15.73 6.55
N VAL A 77 25.93 -14.84 5.61
CA VAL A 77 25.02 -13.75 5.23
C VAL A 77 23.66 -14.27 4.83
N MET A 78 23.63 -15.29 3.96
CA MET A 78 22.35 -15.73 3.43
C MET A 78 21.54 -16.43 4.53
N THR A 79 22.21 -17.15 5.42
CA THR A 79 21.59 -17.74 6.60
C THR A 79 21.04 -16.66 7.54
N ASN A 80 21.82 -15.63 7.78
CA ASN A 80 21.37 -14.54 8.66
C ASN A 80 20.12 -13.85 8.11
N LEU A 81 20.13 -13.61 6.80
CA LEU A 81 18.96 -13.01 6.16
C LEU A 81 17.74 -13.88 6.35
N LYS A 82 17.88 -15.19 6.16
CA LYS A 82 16.75 -16.12 6.41
C LYS A 82 16.23 -16.00 7.83
N TYR A 83 17.14 -15.95 8.81
CA TYR A 83 16.70 -15.82 10.20
C TYR A 83 15.89 -14.58 10.41
N VAL A 84 16.40 -13.43 9.90
CA VAL A 84 15.65 -12.17 10.06
C VAL A 84 14.29 -12.24 9.36
N LEU A 85 14.27 -12.73 8.12
CA LEU A 85 13.01 -12.80 7.39
C LEU A 85 11.98 -13.68 8.10
N GLU A 86 12.42 -14.86 8.59
CA GLU A 86 11.48 -15.73 9.22
C GLU A 86 10.96 -15.18 10.55
N GLU A 87 11.84 -14.50 11.30
CA GLU A 87 11.44 -13.85 12.53
C GLU A 87 10.31 -12.81 12.27
N ALA A 88 10.42 -12.11 11.15
CA ALA A 88 9.46 -11.03 10.79
C ALA A 88 8.14 -11.59 10.32
N GLY A 89 8.07 -12.90 10.03
CA GLY A 89 6.83 -13.46 9.44
C GLY A 89 6.93 -13.61 7.93
N SER A 90 8.13 -13.36 7.41
CA SER A 90 8.37 -13.42 5.99
C SER A 90 9.19 -14.68 5.70
N SER A 91 9.84 -14.71 4.55
CA SER A 91 10.64 -15.88 4.13
C SER A 91 11.52 -15.53 2.92
N MET A 92 12.45 -16.44 2.58
CA MET A 92 13.28 -16.21 1.41
C MET A 92 12.43 -16.12 0.16
N ASP A 93 11.36 -16.94 0.09
CA ASP A 93 10.47 -16.93 -1.10
C ASP A 93 9.65 -15.63 -1.25
N LYS A 94 9.57 -14.85 -0.16
CA LYS A 94 8.82 -13.57 -0.18
C LYS A 94 9.76 -12.35 -0.38
N VAL A 95 11.04 -12.59 -0.67
CA VAL A 95 11.94 -11.46 -0.88
C VAL A 95 11.66 -10.81 -2.23
N VAL A 96 11.55 -9.50 -2.22
CA VAL A 96 11.20 -8.74 -3.43
CA VAL A 96 11.23 -8.83 -3.48
C VAL A 96 12.43 -8.24 -4.20
N LYS A 97 13.38 -7.69 -3.45
CA LYS A 97 14.54 -7.01 -4.07
C LYS A 97 15.70 -7.11 -3.08
N THR A 98 16.90 -7.44 -3.57
CA THR A 98 18.07 -7.44 -2.67
C THR A 98 19.08 -6.44 -3.26
N THR A 99 20.03 -6.02 -2.41
CA THR A 99 21.22 -5.33 -2.87
C THR A 99 22.39 -6.06 -2.25
N CYS A 100 23.38 -6.37 -3.08
CA CYS A 100 24.50 -7.27 -2.73
C CYS A 100 25.77 -6.48 -2.93
N LEU A 101 26.47 -6.24 -1.82
CA LEU A 101 27.65 -5.42 -1.79
C LEU A 101 28.85 -6.32 -1.54
N LEU A 102 29.89 -6.20 -2.38
CA LEU A 102 31.12 -6.96 -2.18
CA LEU A 102 31.12 -6.98 -2.21
C LEU A 102 32.30 -6.06 -1.87
N ALA A 103 33.24 -6.59 -1.09
CA ALA A 103 34.49 -5.85 -0.84
C ALA A 103 35.41 -5.98 -2.08
N ASP A 104 35.20 -7.00 -2.90
CA ASP A 104 36.11 -7.27 -4.04
C ASP A 104 35.28 -7.84 -5.19
N ILE A 105 35.26 -7.14 -6.34
CA ILE A 105 34.48 -7.62 -7.48
C ILE A 105 34.93 -9.04 -7.92
N LYS A 106 36.19 -9.38 -7.64
CA LYS A 106 36.69 -10.74 -7.98
C LYS A 106 35.95 -11.88 -7.23
N ASP A 107 35.25 -11.54 -6.16
CA ASP A 107 34.55 -12.52 -5.34
C ASP A 107 33.09 -12.69 -5.76
N PHE A 108 32.69 -11.97 -6.80
CA PHE A 108 31.29 -11.93 -7.20
C PHE A 108 30.78 -13.29 -7.68
N GLY A 109 31.60 -14.03 -8.41
CA GLY A 109 31.17 -15.33 -8.89
C GLY A 109 30.85 -16.33 -7.78
N VAL A 110 31.75 -16.43 -6.81
CA VAL A 110 31.57 -17.37 -5.68
C VAL A 110 30.35 -16.94 -4.88
N PHE A 111 30.24 -15.63 -4.65
CA PHE A 111 29.00 -15.09 -4.06
C PHE A 111 27.71 -15.50 -4.79
N ASN A 112 27.72 -15.32 -6.11
N ASN A 112 27.70 -15.33 -6.11
CA ASN A 112 26.54 -15.61 -6.95
CA ASN A 112 26.50 -15.61 -6.87
C ASN A 112 26.09 -17.06 -6.79
C ASN A 112 26.07 -17.08 -6.80
N GLY A 113 27.05 -17.98 -6.76
CA GLY A 113 26.73 -19.40 -6.59
C GLY A 113 25.98 -19.67 -5.28
N ILE A 114 26.49 -19.07 -4.21
CA ILE A 114 25.93 -19.24 -2.85
C ILE A 114 24.58 -18.56 -2.70
N TYR A 115 24.50 -17.36 -3.23
CA TYR A 115 23.24 -16.62 -3.29
C TYR A 115 22.17 -17.43 -4.03
N ALA A 116 22.50 -17.95 -5.20
CA ALA A 116 21.53 -18.75 -5.99
C ALA A 116 21.06 -19.99 -5.23
N GLU A 117 22.00 -20.70 -4.58
CA GLU A 117 21.61 -21.87 -3.77
C GLU A 117 20.67 -21.48 -2.62
N ALA A 118 20.90 -20.33 -1.98
CA ALA A 118 20.08 -19.94 -0.85
C ALA A 118 18.62 -19.62 -1.27
N PHE A 119 18.45 -19.02 -2.45
CA PHE A 119 17.13 -18.66 -2.93
C PHE A 119 16.38 -19.75 -3.71
N GLY A 120 17.10 -20.82 -4.08
CA GLY A 120 16.51 -21.94 -4.84
C GLY A 120 15.89 -21.42 -6.13
N ASN A 121 14.61 -21.68 -6.35
CA ASN A 121 13.92 -21.21 -7.55
C ASN A 121 13.39 -19.78 -7.50
N HIS A 122 13.46 -19.14 -6.34
CA HIS A 122 12.88 -17.80 -6.20
C HIS A 122 13.87 -16.77 -6.70
N LYS A 123 13.43 -15.77 -7.47
CA LYS A 123 14.40 -14.86 -8.11
C LYS A 123 14.05 -13.39 -7.87
N PRO A 124 14.52 -12.84 -6.75
CA PRO A 124 14.18 -11.44 -6.50
C PRO A 124 14.81 -10.50 -7.57
N ALA A 125 14.30 -9.28 -7.60
CA ALA A 125 15.04 -8.20 -8.24
C ALA A 125 16.35 -7.99 -7.45
N ARG A 126 17.37 -7.48 -8.15
CA ARG A 126 18.72 -7.40 -7.55
C ARG A 126 19.55 -6.26 -8.09
N ALA A 127 20.37 -5.66 -7.25
CA ALA A 127 21.44 -4.78 -7.73
C ALA A 127 22.71 -5.16 -6.94
N CYS A 128 23.87 -5.18 -7.61
CA CYS A 128 25.11 -5.63 -7.00
C CYS A 128 26.21 -4.65 -7.37
N PHE A 129 27.19 -4.51 -6.50
CA PHE A 129 28.35 -3.73 -6.84
C PHE A 129 29.47 -4.06 -5.85
N ALA A 130 30.70 -3.69 -6.21
CA ALA A 130 31.82 -3.78 -5.25
C ALA A 130 31.95 -2.42 -4.58
N ALA A 131 31.86 -2.41 -3.25
CA ALA A 131 32.13 -1.20 -2.48
C ALA A 131 33.62 -0.99 -2.32
N ALA A 132 34.03 0.25 -2.04
CA ALA A 132 35.45 0.44 -1.67
C ALA A 132 35.79 -0.35 -0.37
N ALA A 133 34.85 -0.38 0.59
CA ALA A 133 35.04 -1.19 1.82
C ALA A 133 33.71 -1.34 2.54
N LEU A 134 33.60 -2.33 3.43
CA LEU A 134 32.38 -2.63 4.18
C LEU A 134 32.67 -2.53 5.69
N PRO A 135 31.62 -2.36 6.51
CA PRO A 135 31.85 -2.30 7.95
C PRO A 135 32.56 -3.55 8.47
N LYS A 136 33.46 -3.31 9.43
CA LYS A 136 34.17 -4.38 10.13
C LYS A 136 35.09 -5.21 9.19
N GLY A 137 35.43 -4.65 8.03
CA GLY A 137 36.21 -5.41 7.02
C GLY A 137 35.46 -6.58 6.38
N ALA A 138 34.14 -6.58 6.46
CA ALA A 138 33.33 -7.67 5.85
C ALA A 138 33.65 -7.83 4.37
N LEU A 139 33.54 -9.05 3.84
CA LEU A 139 33.80 -9.28 2.43
C LEU A 139 32.50 -9.15 1.63
N VAL A 140 31.35 -9.19 2.32
CA VAL A 140 30.05 -9.17 1.64
C VAL A 140 28.99 -8.67 2.59
N GLU A 141 28.04 -7.94 2.03
CA GLU A 141 26.90 -7.43 2.81
C GLU A 141 25.66 -7.53 1.93
N VAL A 142 24.56 -8.02 2.48
CA VAL A 142 23.35 -8.14 1.65
C VAL A 142 22.16 -7.58 2.40
N GLU A 143 21.43 -6.65 1.76
CA GLU A 143 20.19 -6.16 2.38
C GLU A 143 19.03 -6.53 1.43
N CYS A 144 17.80 -6.34 1.91
CA CYS A 144 16.66 -6.69 1.08
C CYS A 144 15.37 -6.06 1.54
N ILE A 145 14.40 -6.09 0.64
CA ILE A 145 13.02 -5.75 0.98
C ILE A 145 12.21 -7.01 0.69
N ALA A 146 11.30 -7.35 1.60
CA ALA A 146 10.46 -8.53 1.43
C ALA A 146 9.03 -8.17 1.80
N THR A 147 8.16 -9.11 1.54
CA THR A 147 6.77 -8.92 1.92
C THR A 147 6.34 -9.92 2.97
N LEU A 148 5.25 -9.61 3.66
CA LEU A 148 4.65 -10.61 4.57
C LEU A 148 3.77 -11.55 3.77
N MET B 9 2.43 -18.67 -16.69
CA MET B 9 1.14 -17.99 -16.31
C MET B 9 1.34 -16.50 -16.11
N GLY B 10 0.33 -15.72 -16.50
CA GLY B 10 0.33 -14.27 -16.25
C GLY B 10 -0.99 -13.64 -16.67
N THR B 11 -1.22 -12.41 -16.24
CA THR B 11 -2.42 -11.67 -16.66
C THR B 11 -2.26 -11.24 -18.14
N LEU B 12 -3.37 -11.09 -18.86
CA LEU B 12 -3.38 -10.55 -20.23
C LEU B 12 -4.47 -9.47 -20.31
N GLU B 13 -4.18 -8.36 -21.00
CA GLU B 13 -5.13 -7.20 -21.04
C GLU B 13 -5.64 -6.80 -19.62
N ALA B 14 -4.78 -6.89 -18.61
CA ALA B 14 -5.10 -6.44 -17.22
C ALA B 14 -6.24 -7.26 -16.59
N GLN B 15 -6.24 -8.56 -16.88
CA GLN B 15 -7.28 -9.47 -16.43
C GLN B 15 -6.63 -10.81 -16.07
N THR B 16 -7.16 -11.47 -15.05
CA THR B 16 -6.63 -12.76 -14.62
C THR B 16 -6.86 -13.81 -15.72
N GLN B 17 -5.99 -14.83 -15.72
CA GLN B 17 -6.08 -15.91 -16.69
C GLN B 17 -6.00 -17.29 -15.99
N GLY B 18 -6.75 -17.45 -14.89
CA GLY B 18 -6.77 -18.72 -14.13
C GLY B 18 -6.04 -18.61 -12.79
N PRO B 19 -6.32 -19.54 -11.84
CA PRO B 19 -5.56 -19.51 -10.58
C PRO B 19 -4.08 -19.81 -10.85
N GLY B 20 -3.19 -18.91 -10.41
CA GLY B 20 -1.76 -19.02 -10.74
C GLY B 20 -1.30 -17.88 -11.63
N SER B 21 -2.23 -17.31 -12.43
CA SER B 21 -1.90 -16.20 -13.33
C SER B 21 -1.64 -14.88 -12.60
N MET B 22 -2.09 -14.78 -11.35
CA MET B 22 -1.89 -13.58 -10.55
C MET B 22 -1.48 -14.00 -9.13
N SER B 23 -0.50 -13.29 -8.56
CA SER B 23 0.01 -13.61 -7.25
CA SER B 23 -0.02 -13.61 -7.23
C SER B 23 0.58 -12.38 -6.58
N LYS B 24 0.85 -12.49 -5.28
CA LYS B 24 1.37 -11.36 -4.52
CA LYS B 24 1.40 -11.39 -4.49
C LYS B 24 2.63 -10.78 -5.18
N LEU B 25 3.55 -11.65 -5.62
CA LEU B 25 4.78 -11.18 -6.27
C LEU B 25 4.65 -11.55 -7.73
N THR B 26 4.88 -10.58 -8.60
CA THR B 26 4.80 -10.81 -10.06
C THR B 26 6.19 -10.56 -10.67
N VAL B 27 6.68 -11.54 -11.42
CA VAL B 27 7.99 -11.42 -12.11
C VAL B 27 7.79 -10.61 -13.42
N VAL B 28 8.63 -9.61 -13.64
CA VAL B 28 8.54 -8.76 -14.85
C VAL B 28 9.60 -9.31 -15.78
N ALA B 29 9.18 -9.61 -17.01
CA ALA B 29 10.13 -10.19 -17.98
C ALA B 29 9.92 -9.62 -19.41
N SER B 30 10.60 -8.51 -19.67
CA SER B 30 10.50 -7.85 -20.95
C SER B 30 11.41 -8.54 -21.96
N PRO B 31 10.88 -8.97 -23.13
CA PRO B 31 11.76 -9.53 -24.16
C PRO B 31 12.63 -8.47 -24.83
N LEU B 32 12.46 -7.20 -24.46
CA LEU B 32 13.24 -6.15 -25.04
C LEU B 32 14.47 -5.78 -24.20
N ALA B 33 14.41 -6.05 -22.89
CA ALA B 33 15.50 -5.76 -21.95
C ALA B 33 16.39 -7.02 -21.82
N PRO B 34 17.62 -6.88 -21.28
CA PRO B 34 18.51 -8.07 -21.20
C PRO B 34 17.84 -9.20 -20.45
N GLU B 35 18.04 -10.43 -20.91
CA GLU B 35 17.34 -11.55 -20.29
C GLU B 35 17.94 -11.77 -18.89
N ALA B 36 17.08 -11.99 -17.89
CA ALA B 36 17.58 -12.33 -16.58
C ALA B 36 17.81 -13.83 -16.52
N VAL B 37 19.05 -14.28 -16.72
CA VAL B 37 19.30 -15.71 -16.82
C VAL B 37 19.51 -16.36 -15.45
N GLY B 38 20.31 -15.67 -14.62
CA GLY B 38 20.74 -16.20 -13.33
C GLY B 38 19.70 -16.01 -12.24
N ALA B 39 20.17 -15.82 -11.01
CA ALA B 39 19.28 -15.93 -9.86
C ALA B 39 18.57 -14.61 -9.51
N TYR B 40 18.02 -13.93 -10.51
CA TYR B 40 17.36 -12.64 -10.29
C TYR B 40 16.34 -12.46 -11.41
N SER B 41 15.46 -11.47 -11.24
CA SER B 41 14.43 -11.10 -12.23
C SER B 41 14.68 -9.67 -12.61
N GLN B 42 14.26 -9.29 -13.82
CA GLN B 42 14.41 -7.87 -14.22
C GLN B 42 13.76 -6.94 -13.21
N ALA B 43 12.57 -7.33 -12.74
CA ALA B 43 11.85 -6.56 -11.71
C ALA B 43 10.80 -7.43 -11.06
N ILE B 44 10.36 -7.02 -9.87
CA ILE B 44 9.30 -7.72 -9.16
C ILE B 44 8.24 -6.69 -8.79
N ILE B 45 6.98 -7.02 -9.05
CA ILE B 45 5.91 -6.13 -8.64
C ILE B 45 5.34 -6.64 -7.35
N CYS B 46 5.18 -5.74 -6.39
CA CYS B 46 4.58 -6.11 -5.09
C CYS B 46 3.75 -4.94 -4.56
N ASN B 47 2.48 -5.20 -4.26
CA ASN B 47 1.55 -4.22 -3.68
C ASN B 47 1.52 -2.90 -4.49
N GLY B 48 1.45 -3.04 -5.81
CA GLY B 48 1.29 -1.85 -6.66
C GLY B 48 2.57 -1.08 -6.94
N MET B 49 3.71 -1.61 -6.51
CA MET B 49 5.02 -0.96 -6.75
C MET B 49 5.91 -1.92 -7.53
N VAL B 50 6.77 -1.34 -8.37
CA VAL B 50 7.67 -2.14 -9.18
C VAL B 50 9.11 -1.96 -8.71
N TYR B 51 9.77 -3.05 -8.30
CA TYR B 51 11.13 -2.98 -7.74
C TYR B 51 12.04 -3.49 -8.86
N CYS B 52 12.79 -2.57 -9.45
CA CYS B 52 13.60 -2.91 -10.62
C CYS B 52 15.04 -3.20 -10.25
N SER B 53 15.58 -4.26 -10.85
CA SER B 53 17.01 -4.58 -10.78
C SER B 53 17.88 -3.45 -11.34
N GLY B 54 19.16 -3.46 -10.96
CA GLY B 54 20.09 -2.47 -11.52
C GLY B 54 20.37 -2.84 -12.95
N GLN B 55 19.82 -2.08 -13.88
CA GLN B 55 20.16 -2.26 -15.29
C GLN B 55 21.60 -1.84 -15.64
N ILE B 56 22.23 -2.62 -16.52
CA ILE B 56 23.53 -2.25 -17.07
C ILE B 56 23.33 -2.17 -18.58
N GLY B 57 24.35 -1.66 -19.28
CA GLY B 57 24.15 -1.17 -20.66
C GLY B 57 24.19 -2.30 -21.70
N LEU B 58 23.56 -3.43 -21.39
CA LEU B 58 23.54 -4.56 -22.34
C LEU B 58 22.40 -4.38 -23.31
N ASP B 59 22.61 -4.82 -24.55
CA ASP B 59 21.61 -4.74 -25.60
C ASP B 59 21.10 -6.17 -25.75
N ARG B 60 19.84 -6.40 -25.39
CA ARG B 60 19.20 -7.73 -25.58
C ARG B 60 19.41 -8.32 -26.99
N LYS B 61 19.43 -7.47 -28.01
CA LYS B 61 19.53 -7.96 -29.38
C LYS B 61 20.87 -8.64 -29.66
N THR B 62 21.93 -8.20 -29.00
CA THR B 62 23.29 -8.77 -29.23
C THR B 62 23.81 -9.64 -28.08
N GLY B 63 23.21 -9.53 -26.90
CA GLY B 63 23.70 -10.16 -25.68
C GLY B 63 24.96 -9.52 -25.08
N ASP B 64 25.33 -8.35 -25.60
CA ASP B 64 26.56 -7.68 -25.25
C ASP B 64 26.32 -6.19 -24.97
N PHE B 65 27.36 -5.48 -24.52
CA PHE B 65 27.21 -4.07 -24.19
C PHE B 65 26.91 -3.29 -25.47
N ALA B 66 26.10 -2.25 -25.35
CA ALA B 66 25.78 -1.36 -26.50
C ALA B 66 27.01 -0.65 -27.04
N GLY B 67 27.97 -0.39 -26.15
CA GLY B 67 29.26 0.17 -26.60
C GLY B 67 30.23 0.26 -25.42
N LYS B 68 31.47 0.68 -25.72
CA LYS B 68 32.55 0.74 -24.73
C LYS B 68 32.56 2.04 -23.92
N THR B 69 31.73 3.01 -24.32
CA THR B 69 31.78 4.33 -23.71
C THR B 69 30.64 4.57 -22.75
N ILE B 70 30.87 5.52 -21.85
CA ILE B 70 29.88 5.90 -20.88
C ILE B 70 28.63 6.43 -21.58
N GLU B 71 28.79 7.14 -22.72
CA GLU B 71 27.61 7.69 -23.36
C GLU B 71 26.74 6.55 -23.87
N GLU B 72 27.35 5.55 -24.51
CA GLU B 72 26.54 4.49 -25.16
C GLU B 72 25.90 3.62 -24.11
N GLN B 73 26.64 3.33 -23.04
CA GLN B 73 26.08 2.47 -21.99
C GLN B 73 25.00 3.19 -21.17
N SER B 74 25.18 4.48 -20.94
CA SER B 74 24.16 5.23 -20.17
C SER B 74 22.85 5.28 -20.94
N LYS B 75 22.92 5.52 -22.24
CA LYS B 75 21.73 5.52 -23.08
C LYS B 75 21.05 4.15 -23.04
N GLN B 76 21.82 3.08 -23.18
CA GLN B 76 21.25 1.73 -23.14
C GLN B 76 20.60 1.44 -21.79
N VAL B 77 21.26 1.82 -20.69
CA VAL B 77 20.70 1.63 -19.33
C VAL B 77 19.33 2.30 -19.23
N MET B 78 19.24 3.55 -19.67
CA MET B 78 17.96 4.26 -19.56
C MET B 78 16.85 3.63 -20.41
N THR B 79 17.23 3.15 -21.58
CA THR B 79 16.32 2.52 -22.50
C THR B 79 15.86 1.19 -21.90
N ASN B 80 16.80 0.42 -21.39
CA ASN B 80 16.49 -0.86 -20.70
C ASN B 80 15.53 -0.64 -19.55
N LEU B 81 15.80 0.37 -18.71
CA LEU B 81 14.86 0.70 -17.64
C LEU B 81 13.42 0.95 -18.16
N LYS B 82 13.33 1.81 -19.17
CA LYS B 82 12.05 2.05 -19.84
C LYS B 82 11.37 0.73 -20.30
N TYR B 83 12.10 -0.16 -20.94
CA TYR B 83 11.49 -1.44 -21.40
C TYR B 83 10.92 -2.21 -20.18
N VAL B 84 11.71 -2.28 -19.10
CA VAL B 84 11.28 -3.08 -17.93
C VAL B 84 10.03 -2.44 -17.30
N LEU B 85 10.08 -1.13 -17.07
CA LEU B 85 8.96 -0.38 -16.47
C LEU B 85 7.68 -0.53 -17.29
N GLU B 86 7.81 -0.39 -18.61
CA GLU B 86 6.62 -0.44 -19.47
C GLU B 86 6.07 -1.87 -19.54
N GLU B 87 6.94 -2.85 -19.55
CA GLU B 87 6.49 -4.25 -19.43
C GLU B 87 5.68 -4.50 -18.14
N ALA B 88 6.09 -3.91 -17.03
CA ALA B 88 5.41 -4.07 -15.74
C ALA B 88 4.06 -3.34 -15.66
N GLY B 89 3.77 -2.42 -16.60
CA GLY B 89 2.58 -1.57 -16.49
C GLY B 89 2.89 -0.20 -15.91
N SER B 90 4.17 0.10 -15.77
CA SER B 90 4.60 1.38 -15.24
C SER B 90 5.19 2.19 -16.39
N SER B 91 6.02 3.20 -16.09
CA SER B 91 6.61 4.08 -17.11
C SER B 91 7.69 4.89 -16.45
N MET B 92 8.47 5.62 -17.25
CA MET B 92 9.51 6.49 -16.69
C MET B 92 8.90 7.60 -15.85
N ASP B 93 7.73 8.09 -16.26
CA ASP B 93 7.04 9.14 -15.49
C ASP B 93 6.59 8.65 -14.11
N LYS B 94 6.53 7.32 -13.90
CA LYS B 94 6.05 6.79 -12.61
C LYS B 94 7.21 6.31 -11.72
N VAL B 95 8.42 6.64 -12.12
CA VAL B 95 9.57 6.26 -11.28
C VAL B 95 9.65 7.14 -10.02
N VAL B 96 9.81 6.49 -8.86
CA VAL B 96 9.77 7.21 -7.57
C VAL B 96 11.18 7.56 -7.06
N LYS B 97 12.08 6.61 -7.21
CA LYS B 97 13.42 6.74 -6.63
C LYS B 97 14.37 5.88 -7.46
N THR B 98 15.53 6.45 -7.78
CA THR B 98 16.59 5.69 -8.49
C THR B 98 17.86 5.65 -7.62
N THR B 99 18.72 4.68 -7.93
CA THR B 99 20.12 4.72 -7.45
C THR B 99 20.99 4.55 -8.67
N CYS B 100 21.97 5.44 -8.81
CA CYS B 100 22.80 5.53 -10.03
C CYS B 100 24.23 5.24 -9.59
N LEU B 101 24.80 4.16 -10.10
CA LEU B 101 26.14 3.75 -9.72
C LEU B 101 27.05 3.92 -10.90
N LEU B 102 28.23 4.49 -10.66
CA LEU B 102 29.23 4.67 -11.71
C LEU B 102 30.53 3.96 -11.39
N ALA B 103 31.25 3.54 -12.43
CA ALA B 103 32.62 2.99 -12.29
C ALA B 103 33.66 4.13 -12.12
N ASP B 104 33.30 5.37 -12.49
CA ASP B 104 34.24 6.49 -12.40
C ASP B 104 33.45 7.73 -12.09
N ILE B 105 33.71 8.34 -10.93
CA ILE B 105 32.93 9.47 -10.49
C ILE B 105 33.03 10.62 -11.51
N LYS B 106 34.12 10.65 -12.30
CA LYS B 106 34.30 11.74 -13.25
C LYS B 106 33.28 11.67 -14.39
N ASP B 107 32.60 10.53 -14.50
CA ASP B 107 31.57 10.39 -15.49
C ASP B 107 30.22 10.98 -15.05
N PHE B 108 30.12 11.51 -13.82
CA PHE B 108 28.85 12.03 -13.24
C PHE B 108 28.14 13.01 -14.20
N GLY B 109 28.88 14.00 -14.70
CA GLY B 109 28.32 15.02 -15.60
C GLY B 109 27.70 14.48 -16.88
N VAL B 110 28.43 13.63 -17.58
CA VAL B 110 27.92 13.07 -18.83
C VAL B 110 26.74 12.14 -18.57
N PHE B 111 26.89 11.32 -17.54
CA PHE B 111 25.79 10.43 -17.14
C PHE B 111 24.50 11.22 -16.81
N ASN B 112 24.66 12.25 -15.98
CA ASN B 112 23.53 13.10 -15.55
CA ASN B 112 23.55 13.08 -15.56
C ASN B 112 22.77 13.66 -16.75
N GLY B 113 23.51 14.06 -17.80
CA GLY B 113 22.87 14.67 -18.99
C GLY B 113 21.93 13.67 -19.69
N ILE B 114 22.40 12.41 -19.78
CA ILE B 114 21.68 11.34 -20.49
C ILE B 114 20.49 10.86 -19.67
N TYR B 115 20.73 10.75 -18.37
CA TYR B 115 19.71 10.40 -17.39
C TYR B 115 18.58 11.45 -17.46
N ALA B 116 18.94 12.74 -17.41
CA ALA B 116 17.91 13.83 -17.45
C ALA B 116 17.17 13.77 -18.75
N GLU B 117 17.87 13.56 -19.86
CA GLU B 117 17.19 13.51 -21.17
C GLU B 117 16.15 12.38 -21.21
N ALA B 118 16.49 11.24 -20.62
CA ALA B 118 15.58 10.08 -20.60
C ALA B 118 14.33 10.32 -19.77
N PHE B 119 14.48 11.03 -18.63
CA PHE B 119 13.33 11.33 -17.78
C PHE B 119 12.52 12.57 -18.18
N GLY B 120 13.07 13.38 -19.10
CA GLY B 120 12.36 14.58 -19.59
C GLY B 120 12.17 15.52 -18.39
N ASN B 121 10.93 15.86 -18.10
CA ASN B 121 10.65 16.73 -16.97
C ASN B 121 10.42 16.01 -15.65
N HIS B 122 10.42 14.68 -15.67
CA HIS B 122 10.15 13.93 -14.43
C HIS B 122 11.43 13.85 -13.62
N LYS B 123 11.29 14.02 -12.29
CA LYS B 123 12.44 14.08 -11.39
C LYS B 123 12.28 13.16 -10.17
N PRO B 124 12.61 11.87 -10.33
CA PRO B 124 12.63 10.90 -9.19
C PRO B 124 13.55 11.36 -8.07
N ALA B 125 13.27 10.91 -6.84
CA ALA B 125 14.32 10.98 -5.83
C ALA B 125 15.53 10.18 -6.35
N ARG B 126 16.74 10.50 -5.84
CA ARG B 126 17.94 9.86 -6.40
C ARG B 126 19.05 9.77 -5.39
N ALA B 127 19.83 8.70 -5.50
CA ALA B 127 21.14 8.63 -4.82
C ALA B 127 22.16 8.20 -5.84
N CYS B 128 23.34 8.79 -5.79
CA CYS B 128 24.39 8.46 -6.75
CA CYS B 128 24.38 8.47 -6.75
C CYS B 128 25.72 8.29 -6.04
N PHE B 129 26.53 7.37 -6.55
CA PHE B 129 27.90 7.23 -6.05
C PHE B 129 28.73 6.47 -7.06
N ALA B 130 30.04 6.50 -6.89
CA ALA B 130 30.91 5.66 -7.73
C ALA B 130 31.24 4.42 -6.91
N ALA B 131 30.99 3.23 -7.50
CA ALA B 131 31.43 1.99 -6.89
C ALA B 131 32.92 1.75 -7.19
N ALA B 132 33.50 0.78 -6.50
CA ALA B 132 34.87 0.35 -6.80
C ALA B 132 34.90 -0.44 -8.12
N ALA B 133 33.79 -1.12 -8.42
CA ALA B 133 33.63 -1.88 -9.65
C ALA B 133 32.21 -2.37 -9.77
N LEU B 134 31.75 -2.57 -11.00
CA LEU B 134 30.33 -2.98 -11.23
C LEU B 134 30.30 -4.36 -11.89
N PRO B 135 29.18 -5.08 -11.76
CA PRO B 135 29.06 -6.36 -12.45
C PRO B 135 29.37 -6.28 -13.95
N LYS B 136 30.03 -7.35 -14.45
CA LYS B 136 30.25 -7.52 -15.87
C LYS B 136 31.06 -6.41 -16.53
N GLY B 137 31.85 -5.69 -15.73
CA GLY B 137 32.63 -4.56 -16.29
C GLY B 137 31.82 -3.33 -16.69
N ALA B 138 30.56 -3.22 -16.24
CA ALA B 138 29.71 -2.09 -16.61
C ALA B 138 30.31 -0.75 -16.15
N LEU B 139 30.17 0.29 -16.96
CA LEU B 139 30.54 1.65 -16.52
C LEU B 139 29.47 2.31 -15.68
N VAL B 140 28.22 1.81 -15.79
CA VAL B 140 27.11 2.52 -15.15
C VAL B 140 26.01 1.48 -14.88
N GLU B 141 25.33 1.60 -13.73
CA GLU B 141 24.25 0.69 -13.34
C GLU B 141 23.16 1.53 -12.69
N VAL B 142 21.91 1.38 -13.13
CA VAL B 142 20.81 2.17 -12.50
C VAL B 142 19.68 1.27 -12.08
N GLU B 143 19.33 1.32 -10.78
CA GLU B 143 18.18 0.55 -10.28
C GLU B 143 17.08 1.58 -9.88
N CYS B 144 15.85 1.10 -9.69
CA CYS B 144 14.82 2.06 -9.26
C CYS B 144 13.61 1.35 -8.68
N ILE B 145 12.79 2.14 -8.00
CA ILE B 145 11.44 1.75 -7.64
C ILE B 145 10.46 2.68 -8.34
N ALA B 146 9.35 2.12 -8.79
CA ALA B 146 8.35 2.93 -9.47
C ALA B 146 7.00 2.47 -9.04
N THR B 147 5.99 3.25 -9.40
CA THR B 147 4.63 2.82 -9.10
C THR B 147 3.91 2.35 -10.39
N LEU B 148 2.92 1.48 -10.24
CA LEU B 148 1.97 1.18 -11.36
C LEU B 148 1.03 2.37 -11.60
N GLU C 13 -5.39 16.52 8.54
CA GLU C 13 -5.42 17.99 8.72
C GLU C 13 -5.41 18.63 7.30
N ALA C 14 -4.45 18.24 6.47
CA ALA C 14 -4.29 18.79 5.14
C ALA C 14 -5.50 18.46 4.23
N GLN C 15 -5.72 19.30 3.23
CA GLN C 15 -6.88 19.16 2.35
C GLN C 15 -6.46 19.39 0.91
N THR C 16 -7.19 18.81 -0.03
CA THR C 16 -6.91 19.10 -1.44
C THR C 16 -7.17 20.56 -1.77
N GLN C 17 -6.53 21.01 -2.85
CA GLN C 17 -6.63 22.41 -3.27
CA GLN C 17 -6.57 22.41 -3.28
C GLN C 17 -6.92 22.52 -4.76
N GLY C 18 -7.85 21.68 -5.22
CA GLY C 18 -8.28 21.73 -6.63
C GLY C 18 -7.70 20.59 -7.49
N PRO C 19 -8.37 20.24 -8.59
CA PRO C 19 -7.91 19.10 -9.38
C PRO C 19 -6.50 19.40 -9.88
N GLY C 20 -5.61 18.43 -9.72
CA GLY C 20 -4.20 18.64 -10.04
C GLY C 20 -3.31 19.04 -8.91
N SER C 21 -3.89 19.50 -7.78
CA SER C 21 -3.07 19.89 -6.60
C SER C 21 -2.51 18.68 -5.91
N MET C 22 -3.24 17.57 -5.98
CA MET C 22 -2.82 16.31 -5.36
C MET C 22 -2.76 15.19 -6.40
N SER C 23 -1.68 14.42 -6.37
CA SER C 23 -1.47 13.32 -7.33
CA SER C 23 -1.59 13.28 -7.28
C SER C 23 -0.91 12.09 -6.62
N LYS C 24 -0.86 10.97 -7.34
CA LYS C 24 -0.26 9.73 -6.80
CA LYS C 24 -0.27 9.73 -6.81
C LYS C 24 1.15 9.96 -6.27
N LEU C 25 1.96 10.70 -7.05
CA LEU C 25 3.31 11.05 -6.59
C LEU C 25 3.32 12.50 -6.14
N THR C 26 3.87 12.75 -4.95
CA THR C 26 4.08 14.12 -4.45
C THR C 26 5.56 14.42 -4.33
N VAL C 27 5.96 15.57 -4.86
CA VAL C 27 7.34 16.02 -4.73
C VAL C 27 7.49 16.72 -3.43
N VAL C 28 8.57 16.38 -2.73
CA VAL C 28 8.88 17.03 -1.46
C VAL C 28 9.91 18.10 -1.78
N ALA C 29 9.61 19.36 -1.36
CA ALA C 29 10.57 20.46 -1.60
C ALA C 29 10.67 21.30 -0.36
N SER C 30 11.53 20.91 0.57
CA SER C 30 11.76 21.73 1.76
C SER C 30 12.68 22.92 1.39
N PRO C 31 12.26 24.14 1.75
CA PRO C 31 13.22 25.26 1.59
C PRO C 31 14.37 25.29 2.57
N LEU C 32 14.37 24.39 3.57
CA LEU C 32 15.42 24.35 4.61
C LEU C 32 16.54 23.41 4.28
N ALA C 33 16.29 22.42 3.41
CA ALA C 33 17.31 21.47 2.93
C ALA C 33 17.85 22.00 1.61
N PRO C 34 19.04 21.53 1.19
CA PRO C 34 19.66 22.01 -0.07
C PRO C 34 18.70 21.91 -1.24
N GLU C 35 18.68 22.93 -2.09
CA GLU C 35 17.72 22.91 -3.17
C GLU C 35 18.13 21.85 -4.19
N ALA C 36 17.14 21.09 -4.66
CA ALA C 36 17.39 20.14 -5.73
C ALA C 36 17.50 20.88 -7.07
N VAL C 37 18.74 21.23 -7.47
CA VAL C 37 18.94 22.00 -8.72
C VAL C 37 19.18 21.11 -9.97
N GLY C 38 19.27 19.80 -9.77
CA GLY C 38 19.44 18.86 -10.86
C GLY C 38 18.17 18.12 -11.20
N ALA C 39 18.30 17.04 -11.98
CA ALA C 39 17.15 16.28 -12.47
C ALA C 39 16.69 15.27 -11.42
N TYR C 40 16.31 15.76 -10.25
CA TYR C 40 15.90 14.88 -9.14
C TYR C 40 15.10 15.77 -8.20
N SER C 41 14.39 15.16 -7.26
CA SER C 41 13.66 15.84 -6.17
C SER C 41 14.24 15.40 -4.85
N GLN C 42 14.08 16.22 -3.81
CA GLN C 42 14.61 15.86 -2.47
C GLN C 42 14.01 14.55 -1.98
N ALA C 43 12.73 14.36 -2.27
CA ALA C 43 12.04 13.09 -1.97
C ALA C 43 10.77 13.03 -2.78
N ILE C 44 10.26 11.81 -2.93
CA ILE C 44 8.95 11.57 -3.55
C ILE C 44 8.10 10.78 -2.57
N ILE C 45 6.85 11.24 -2.39
CA ILE C 45 5.90 10.48 -1.59
C ILE C 45 5.04 9.63 -2.50
N CYS C 46 4.86 8.35 -2.14
CA CYS C 46 4.01 7.46 -2.97
C CYS C 46 3.36 6.46 -2.05
N ASN C 47 2.03 6.40 -2.10
CA ASN C 47 1.27 5.46 -1.30
C ASN C 47 1.62 5.46 0.17
N GLY C 48 1.80 6.65 0.71
CA GLY C 48 1.98 6.82 2.16
C GLY C 48 3.41 6.56 2.61
N MET C 49 4.34 6.40 1.66
CA MET C 49 5.78 6.20 2.01
C MET C 49 6.57 7.32 1.35
N VAL C 50 7.65 7.74 2.00
CA VAL C 50 8.44 8.86 1.53
C VAL C 50 9.83 8.30 1.14
N TYR C 51 10.22 8.49 -0.12
CA TYR C 51 11.47 7.93 -0.61
C TYR C 51 12.42 9.08 -0.78
N CYS C 52 13.44 9.15 0.08
CA CYS C 52 14.27 10.34 0.13
C CYS C 52 15.54 10.14 -0.66
N SER C 53 15.95 11.20 -1.37
CA SER C 53 17.26 11.22 -2.05
C SER C 53 18.41 11.12 -1.05
N GLY C 54 19.57 10.72 -1.57
CA GLY C 54 20.80 10.78 -0.76
C GLY C 54 21.19 12.21 -0.43
N GLN C 55 21.10 12.59 0.85
CA GLN C 55 21.52 13.96 1.24
C GLN C 55 23.01 13.98 1.46
N ILE C 56 23.65 15.04 1.00
CA ILE C 56 25.06 15.33 1.30
C ILE C 56 25.11 16.56 2.18
N GLY C 57 26.30 16.87 2.73
CA GLY C 57 26.32 17.80 3.87
C GLY C 57 26.37 19.26 3.43
N LEU C 58 25.57 19.61 2.44
CA LEU C 58 25.46 21.01 2.02
C LEU C 58 24.57 21.77 3.01
N ASP C 59 24.96 23.00 3.33
CA ASP C 59 24.10 23.89 4.17
C ASP C 59 23.31 24.86 3.26
N ARG C 60 21.98 24.79 3.30
CA ARG C 60 21.13 25.69 2.52
C ARG C 60 21.48 27.16 2.82
N LYS C 61 21.88 27.43 4.05
CA LYS C 61 22.16 28.81 4.46
C LYS C 61 23.37 29.41 3.78
N THR C 62 24.29 28.57 3.28
CA THR C 62 25.51 29.07 2.63
C THR C 62 25.59 28.62 1.18
N GLY C 63 24.90 27.53 0.82
CA GLY C 63 25.11 26.91 -0.50
C GLY C 63 26.42 26.11 -0.68
N ASP C 64 27.16 25.87 0.40
CA ASP C 64 28.42 25.12 0.32
CA ASP C 64 28.44 25.16 0.36
C ASP C 64 28.36 24.03 1.38
N PHE C 65 29.36 23.13 1.40
CA PHE C 65 29.42 22.13 2.49
C PHE C 65 29.50 22.85 3.82
N ALA C 66 28.84 22.29 4.83
CA ALA C 66 28.89 22.81 6.20
C ALA C 66 30.32 22.96 6.73
N GLY C 67 31.21 22.07 6.28
CA GLY C 67 32.61 22.15 6.65
C GLY C 67 33.33 21.08 5.87
N LYS C 68 34.66 21.11 5.97
CA LYS C 68 35.55 20.14 5.31
C LYS C 68 35.61 18.78 6.03
N THR C 69 35.15 18.71 7.27
CA THR C 69 35.35 17.49 8.06
C THR C 69 34.15 16.56 8.00
N ILE C 70 34.41 15.28 8.32
CA ILE C 70 33.34 14.30 8.48
C ILE C 70 32.33 14.70 9.56
N GLU C 71 32.82 15.28 10.67
CA GLU C 71 31.91 15.74 11.73
C GLU C 71 30.91 16.78 11.22
N GLU C 72 31.42 17.83 10.58
CA GLU C 72 30.53 18.88 10.11
C GLU C 72 29.57 18.37 9.05
N GLN C 73 30.10 17.59 8.11
CA GLN C 73 29.21 17.10 7.04
C GLN C 73 28.19 16.10 7.53
N SER C 74 28.57 15.21 8.45
CA SER C 74 27.59 14.23 8.99
C SER C 74 26.44 14.91 9.74
N LYS C 75 26.78 15.87 10.61
CA LYS C 75 25.74 16.61 11.34
C LYS C 75 24.81 17.30 10.34
N GLN C 76 25.38 17.90 9.30
CA GLN C 76 24.54 18.62 8.34
C GLN C 76 23.65 17.66 7.54
N VAL C 77 24.20 16.50 7.19
CA VAL C 77 23.40 15.51 6.44
C VAL C 77 22.17 15.11 7.27
N MET C 78 22.38 14.81 8.55
CA MET C 78 21.27 14.34 9.39
C MET C 78 20.23 15.44 9.54
N THR C 79 20.69 16.67 9.65
CA THR C 79 19.76 17.82 9.73
C THR C 79 18.95 17.98 8.44
N ASN C 80 19.63 17.88 7.31
CA ASN C 80 18.98 17.95 6.01
C ASN C 80 17.90 16.88 5.84
N LEU C 81 18.21 15.64 6.22
CA LEU C 81 17.24 14.56 6.17
C LEU C 81 16.01 14.88 7.03
N LYS C 82 16.25 15.36 8.26
CA LYS C 82 15.13 15.75 9.15
C LYS C 82 14.26 16.83 8.46
N TYR C 83 14.88 17.83 7.84
CA TYR C 83 14.07 18.86 7.13
C TYR C 83 13.22 18.26 6.00
N VAL C 84 13.81 17.39 5.20
CA VAL C 84 13.04 16.75 4.10
C VAL C 84 11.86 15.93 4.67
N LEU C 85 12.17 15.13 5.69
CA LEU C 85 11.15 14.29 6.29
C LEU C 85 9.99 15.11 6.88
N GLU C 86 10.32 16.16 7.62
CA GLU C 86 9.25 16.96 8.23
C GLU C 86 8.44 17.72 7.17
N GLU C 87 9.09 18.19 6.11
CA GLU C 87 8.35 18.80 4.96
C GLU C 87 7.31 17.84 4.38
N ALA C 88 7.73 16.58 4.27
CA ALA C 88 6.91 15.52 3.68
C ALA C 88 5.71 15.14 4.54
N GLY C 89 5.75 15.52 5.82
CA GLY C 89 4.76 15.04 6.77
C GLY C 89 5.18 13.82 7.56
N SER C 90 6.45 13.45 7.47
CA SER C 90 7.01 12.33 8.21
C SER C 90 7.90 12.93 9.34
N SER C 91 8.88 12.16 9.81
CA SER C 91 9.72 12.58 10.96
C SER C 91 10.87 11.58 11.06
N MET C 92 11.92 11.93 11.80
CA MET C 92 13.01 10.98 12.08
C MET C 92 12.49 9.70 12.72
N ASP C 93 11.50 9.82 13.61
CA ASP C 93 10.94 8.65 14.29
C ASP C 93 10.16 7.73 13.34
N LYS C 94 9.81 8.23 12.15
CA LYS C 94 9.06 7.42 11.18
C LYS C 94 9.97 6.85 10.07
N VAL C 95 11.27 7.01 10.21
CA VAL C 95 12.19 6.42 9.25
C VAL C 95 12.26 4.87 9.40
N VAL C 96 12.11 4.16 8.28
CA VAL C 96 12.07 2.70 8.26
C VAL C 96 13.44 2.12 7.94
N LYS C 97 14.14 2.72 6.97
CA LYS C 97 15.40 2.16 6.52
C LYS C 97 16.29 3.29 6.02
N THR C 98 17.60 3.23 6.30
CA THR C 98 18.52 4.21 5.73
C THR C 98 19.65 3.44 5.00
N THR C 99 20.35 4.14 4.12
CA THR C 99 21.55 3.58 3.51
C THR C 99 22.55 4.68 3.71
N CYS C 100 23.71 4.33 4.26
CA CYS C 100 24.66 5.35 4.67
C CYS C 100 25.93 5.12 3.87
N LEU C 101 26.39 6.14 3.13
CA LEU C 101 27.52 6.01 2.24
C LEU C 101 28.64 6.92 2.74
N LEU C 102 29.86 6.38 2.76
CA LEU C 102 31.01 7.14 3.25
C LEU C 102 32.07 7.19 2.17
N ALA C 103 32.79 8.31 2.11
CA ALA C 103 33.99 8.40 1.24
C ALA C 103 35.16 7.54 1.74
N ASP C 104 35.17 7.26 3.05
CA ASP C 104 36.26 6.50 3.66
C ASP C 104 35.73 5.68 4.81
N ILE C 105 35.91 4.36 4.76
CA ILE C 105 35.37 3.50 5.83
C ILE C 105 35.92 3.85 7.25
N LYS C 106 37.06 4.50 7.33
CA LYS C 106 37.64 4.83 8.62
CA LYS C 106 37.69 4.93 8.58
C LYS C 106 36.78 5.87 9.35
N ASP C 107 35.89 6.53 8.62
CA ASP C 107 34.98 7.56 9.17
C ASP C 107 33.73 6.98 9.81
N PHE C 108 33.58 5.67 9.70
CA PHE C 108 32.37 4.97 10.20
C PHE C 108 32.09 5.31 11.68
N GLY C 109 33.10 5.20 12.53
CA GLY C 109 32.83 5.45 13.97
C GLY C 109 32.32 6.87 14.26
N VAL C 110 32.95 7.87 13.66
CA VAL C 110 32.53 9.25 13.93
C VAL C 110 31.15 9.50 13.32
N PHE C 111 30.96 9.01 12.10
CA PHE C 111 29.63 9.16 11.46
C PHE C 111 28.53 8.50 12.32
N ASN C 112 28.80 7.29 12.76
CA ASN C 112 27.80 6.55 13.53
C ASN C 112 27.37 7.27 14.83
N GLY C 113 28.30 7.92 15.50
CA GLY C 113 27.97 8.65 16.71
C GLY C 113 27.00 9.78 16.42
N ILE C 114 27.21 10.43 15.28
CA ILE C 114 26.38 11.56 14.88
C ILE C 114 25.00 11.08 14.39
N TYR C 115 25.02 9.99 13.62
CA TYR C 115 23.79 9.35 13.18
C TYR C 115 22.93 8.89 14.40
N ALA C 116 23.54 8.21 15.36
CA ALA C 116 22.77 7.76 16.54
C ALA C 116 22.18 8.93 17.33
N GLU C 117 22.99 9.96 17.51
CA GLU C 117 22.52 11.18 18.21
C GLU C 117 21.26 11.75 17.53
N ALA C 118 21.31 11.84 16.19
CA ALA C 118 20.18 12.38 15.42
C ALA C 118 18.89 11.57 15.54
N PHE C 119 19.03 10.23 15.56
CA PHE C 119 17.87 9.33 15.70
C PHE C 119 17.37 9.09 17.12
N GLY C 120 18.21 9.40 18.11
CA GLY C 120 17.85 9.24 19.53
C GLY C 120 17.56 7.79 19.81
N ASN C 121 16.38 7.51 20.35
CA ASN C 121 15.96 6.13 20.64
C ASN C 121 15.40 5.33 19.44
N HIS C 122 15.12 5.99 18.32
CA HIS C 122 14.61 5.31 17.15
C HIS C 122 15.71 4.57 16.37
N LYS C 123 15.41 3.32 15.97
CA LYS C 123 16.44 2.46 15.32
C LYS C 123 15.99 1.91 13.97
N PRO C 124 16.13 2.71 12.89
CA PRO C 124 15.73 2.20 11.56
C PRO C 124 16.59 1.00 11.16
N ALA C 125 16.12 0.24 10.19
CA ALA C 125 16.99 -0.73 9.52
C ALA C 125 18.06 0.08 8.78
N ARG C 126 19.21 -0.53 8.49
CA ARG C 126 20.33 0.25 7.95
C ARG C 126 21.27 -0.63 7.10
N ALA C 127 21.79 -0.06 6.02
CA ALA C 127 22.97 -0.63 5.38
C ALA C 127 24.01 0.47 5.25
N CYS C 128 25.28 0.10 5.38
CA CYS C 128 26.36 1.10 5.31
CA CYS C 128 26.35 1.08 5.31
C CYS C 128 27.47 0.56 4.43
N PHE C 129 28.17 1.46 3.73
CA PHE C 129 29.38 1.02 3.01
C PHE C 129 30.21 2.24 2.67
N ALA C 130 31.48 2.04 2.28
CA ALA C 130 32.23 3.13 1.72
C ALA C 130 32.19 3.02 0.19
N ALA C 131 31.92 4.14 -0.46
CA ALA C 131 31.98 4.20 -1.93
C ALA C 131 33.40 4.54 -2.36
N ALA C 132 33.71 4.33 -3.64
CA ALA C 132 34.96 4.83 -4.22
C ALA C 132 34.99 6.35 -4.21
N ALA C 133 33.83 6.96 -4.45
CA ALA C 133 33.66 8.42 -4.38
C ALA C 133 32.22 8.82 -4.37
N LEU C 134 31.93 10.02 -3.85
CA LEU C 134 30.57 10.57 -3.78
C LEU C 134 30.49 11.88 -4.57
N PRO C 135 29.26 12.31 -4.94
CA PRO C 135 29.12 13.55 -5.70
C PRO C 135 29.78 14.71 -4.97
N LYS C 136 30.43 15.57 -5.74
CA LYS C 136 31.01 16.84 -5.27
C LYS C 136 32.11 16.63 -4.24
N GLY C 137 32.64 15.40 -4.18
CA GLY C 137 33.68 15.08 -3.18
C GLY C 137 33.16 15.01 -1.75
N ALA C 138 31.84 14.82 -1.59
CA ALA C 138 31.21 14.70 -0.26
C ALA C 138 31.86 13.55 0.52
N LEU C 139 31.91 13.70 1.86
CA LEU C 139 32.50 12.66 2.69
C LEU C 139 31.45 11.67 3.11
N VAL C 140 30.18 12.02 2.91
CA VAL C 140 29.08 11.21 3.48
C VAL C 140 27.81 11.55 2.74
N GLU C 141 27.02 10.52 2.45
CA GLU C 141 25.70 10.69 1.82
C GLU C 141 24.72 9.71 2.52
N VAL C 142 23.52 10.17 2.93
CA VAL C 142 22.55 9.28 3.58
C VAL C 142 21.17 9.39 2.87
N GLU C 143 20.62 8.26 2.44
CA GLU C 143 19.28 8.25 1.85
C GLU C 143 18.36 7.44 2.79
N CYS C 144 17.04 7.50 2.57
CA CYS C 144 16.18 6.73 3.47
C CYS C 144 14.80 6.55 2.87
N ILE C 145 14.05 5.63 3.47
CA ILE C 145 12.62 5.45 3.18
C ILE C 145 11.93 5.66 4.53
N ALA C 146 10.80 6.37 4.53
CA ALA C 146 10.11 6.63 5.82
C ALA C 146 8.62 6.52 5.54
N THR C 147 7.82 6.44 6.60
CA THR C 147 6.37 6.43 6.41
C THR C 147 5.75 7.76 6.86
N LEU C 148 4.61 8.13 6.26
CA LEU C 148 3.79 9.23 6.76
C LEU C 148 3.19 8.85 8.10
N HIS D 8 -6.57 26.04 6.33
CA HIS D 8 -6.35 24.69 5.69
C HIS D 8 -4.97 24.69 5.02
N MET D 9 -4.18 23.62 5.17
CA MET D 9 -2.95 23.53 4.43
C MET D 9 -3.17 22.48 3.35
N GLY D 10 -2.36 22.48 2.30
CA GLY D 10 -2.50 21.44 1.26
C GLY D 10 -1.38 21.54 0.26
N THR D 11 -1.20 20.52 -0.58
CA THR D 11 -0.25 20.52 -1.70
C THR D 11 -0.79 21.38 -2.82
N LEU D 12 0.11 21.90 -3.66
CA LEU D 12 -0.28 22.50 -4.93
C LEU D 12 0.62 21.90 -6.00
N GLU D 13 0.06 21.68 -7.19
CA GLU D 13 0.83 21.12 -8.31
C GLU D 13 1.63 19.86 -7.87
N ALA D 14 1.00 19.04 -7.04
CA ALA D 14 1.62 17.78 -6.61
C ALA D 14 2.98 17.99 -5.92
N GLN D 15 3.13 19.12 -5.21
CA GLN D 15 4.34 19.42 -4.44
C GLN D 15 3.95 19.89 -3.04
N THR D 16 4.74 19.50 -2.05
CA THR D 16 4.54 19.92 -0.67
C THR D 16 4.62 21.44 -0.54
N GLN D 17 3.93 21.94 0.49
CA GLN D 17 3.85 23.40 0.66
C GLN D 17 4.16 23.69 2.13
N GLY D 18 5.11 22.96 2.69
CA GLY D 18 5.51 23.19 4.11
C GLY D 18 5.06 22.05 5.03
N PRO D 19 5.72 21.89 6.20
CA PRO D 19 5.33 20.80 7.11
C PRO D 19 3.88 21.02 7.51
N GLY D 20 3.06 20.00 7.32
CA GLY D 20 1.61 20.06 7.61
C GLY D 20 0.78 20.07 6.35
N SER D 21 1.40 20.41 5.21
CA SER D 21 0.68 20.48 3.94
C SER D 21 0.42 19.09 3.36
N MET D 22 1.16 18.10 3.86
CA MET D 22 0.96 16.69 3.47
C MET D 22 0.92 15.86 4.76
N SER D 23 -0.10 15.02 4.88
CA SER D 23 -0.26 14.23 6.10
C SER D 23 -0.72 12.83 5.70
N LYS D 24 -0.67 11.88 6.63
CA LYS D 24 -1.07 10.53 6.32
C LYS D 24 -2.50 10.43 5.76
N LEU D 25 -3.42 11.22 6.32
CA LEU D 25 -4.80 11.30 5.77
C LEU D 25 -4.97 12.68 5.13
N THR D 26 -5.57 12.73 3.94
CA THR D 26 -5.84 14.01 3.26
C THR D 26 -7.35 14.17 3.06
N VAL D 27 -7.89 15.31 3.51
CA VAL D 27 -9.31 15.64 3.23
C VAL D 27 -9.53 16.07 1.78
N VAL D 28 -10.50 15.44 1.12
CA VAL D 28 -10.86 15.85 -0.25
C VAL D 28 -12.04 16.83 -0.13
N ALA D 29 -11.87 18.02 -0.73
CA ALA D 29 -12.91 19.08 -0.64
C ALA D 29 -13.10 19.77 -1.98
N SER D 30 -14.02 19.25 -2.79
CA SER D 30 -14.34 19.83 -4.08
C SER D 30 -15.44 20.88 -3.96
N PRO D 31 -15.22 22.08 -4.53
CA PRO D 31 -16.30 23.10 -4.48
C PRO D 31 -17.45 22.78 -5.49
N LEU D 32 -17.25 21.73 -6.29
CA LEU D 32 -18.24 21.33 -7.29
C LEU D 32 -19.22 20.29 -6.77
N ALA D 33 -18.80 19.49 -5.79
CA ALA D 33 -19.64 18.48 -5.15
C ALA D 33 -20.41 19.10 -4.02
N PRO D 34 -21.51 18.46 -3.57
CA PRO D 34 -22.26 19.03 -2.45
C PRO D 34 -21.35 19.27 -1.22
N GLU D 35 -21.59 20.37 -0.52
CA GLU D 35 -20.76 20.72 0.66
C GLU D 35 -20.89 19.64 1.74
N ALA D 36 -19.74 19.25 2.28
CA ALA D 36 -19.71 18.30 3.38
C ALA D 36 -19.79 19.16 4.64
N VAL D 37 -21.00 19.29 5.17
CA VAL D 37 -21.26 20.11 6.33
C VAL D 37 -21.36 19.21 7.56
N GLY D 38 -20.47 19.46 8.50
CA GLY D 38 -20.52 18.77 9.76
C GLY D 38 -19.47 17.68 9.80
N ALA D 39 -19.88 16.52 10.32
CA ALA D 39 -18.94 15.56 10.84
C ALA D 39 -18.37 14.60 9.79
N TYR D 40 -18.25 15.03 8.53
CA TYR D 40 -17.71 14.14 7.50
C TYR D 40 -16.99 14.92 6.41
N SER D 41 -16.18 14.21 5.63
CA SER D 41 -15.55 14.76 4.44
C SER D 41 -16.07 14.12 3.19
N GLN D 42 -16.04 14.82 2.06
CA GLN D 42 -16.43 14.18 0.77
C GLN D 42 -15.68 12.88 0.51
N ALA D 43 -14.37 12.89 0.83
CA ALA D 43 -13.52 11.68 0.70
C ALA D 43 -12.30 11.89 1.55
N ILE D 44 -11.60 10.79 1.88
CA ILE D 44 -10.31 10.86 2.56
C ILE D 44 -9.32 10.07 1.72
N ILE D 45 -8.13 10.63 1.53
CA ILE D 45 -7.07 9.89 0.86
C ILE D 45 -6.19 9.27 1.93
N CYS D 46 -5.86 7.99 1.78
CA CYS D 46 -4.94 7.30 2.71
C CYS D 46 -4.09 6.27 1.93
N ASN D 47 -2.76 6.41 2.00
CA ASN D 47 -1.83 5.47 1.33
C ASN D 47 -2.15 5.27 -0.16
N GLY D 48 -2.48 6.36 -0.85
CA GLY D 48 -2.64 6.30 -2.30
C GLY D 48 -4.03 5.81 -2.72
N MET D 49 -4.95 5.64 -1.75
CA MET D 49 -6.31 5.20 -2.10
C MET D 49 -7.27 6.32 -1.62
N VAL D 50 -8.37 6.49 -2.36
CA VAL D 50 -9.36 7.52 -2.07
C VAL D 50 -10.65 6.83 -1.62
N TYR D 51 -11.06 7.10 -0.38
CA TYR D 51 -12.25 6.49 0.20
C TYR D 51 -13.33 7.59 0.14
N CYS D 52 -14.30 7.40 -0.73
CA CYS D 52 -15.30 8.42 -0.99
C CYS D 52 -16.55 8.19 -0.20
N SER D 53 -17.12 9.27 0.33
CA SER D 53 -18.43 9.20 1.02
C SER D 53 -19.56 8.77 0.05
N GLY D 54 -20.67 8.25 0.57
CA GLY D 54 -21.87 8.03 -0.25
C GLY D 54 -22.43 9.35 -0.75
N GLN D 55 -22.35 9.54 -2.06
CA GLN D 55 -22.97 10.70 -2.73
C GLN D 55 -24.46 10.48 -2.96
N ILE D 56 -25.27 11.50 -2.66
CA ILE D 56 -26.68 11.53 -3.09
C ILE D 56 -26.83 12.61 -4.16
N GLY D 57 -28.03 12.71 -4.74
CA GLY D 57 -28.16 13.45 -6.02
C GLY D 57 -28.42 14.95 -5.84
N LEU D 58 -27.70 15.57 -4.89
CA LEU D 58 -27.79 17.02 -4.65
C LEU D 58 -26.93 17.78 -5.65
N ASP D 59 -27.42 18.95 -6.06
CA ASP D 59 -26.66 19.87 -6.92
C ASP D 59 -26.03 20.95 -6.02
N ARG D 60 -24.70 21.02 -6.01
CA ARG D 60 -24.00 21.98 -5.14
C ARG D 60 -24.54 23.40 -5.37
N LYS D 61 -24.85 23.69 -6.63
CA LYS D 61 -25.29 25.03 -7.00
C LYS D 61 -26.61 25.48 -6.35
N THR D 62 -27.51 24.53 -6.06
CA THR D 62 -28.85 24.84 -5.56
C THR D 62 -29.03 24.40 -4.11
N GLY D 63 -28.21 23.46 -3.66
CA GLY D 63 -28.37 22.76 -2.38
C GLY D 63 -29.56 21.81 -2.37
N ASP D 64 -30.20 21.62 -3.51
CA ASP D 64 -31.39 20.74 -3.62
C ASP D 64 -31.07 19.53 -4.48
N PHE D 65 -31.97 18.55 -4.49
CA PHE D 65 -31.79 17.44 -5.41
C PHE D 65 -31.83 17.96 -6.85
N ALA D 66 -31.10 17.30 -7.74
CA ALA D 66 -31.13 17.68 -9.17
C ALA D 66 -32.54 17.52 -9.78
N GLY D 67 -33.33 16.59 -9.24
CA GLY D 67 -34.72 16.44 -9.66
C GLY D 67 -35.37 15.38 -8.81
N LYS D 68 -36.66 15.19 -8.99
CA LYS D 68 -37.42 14.24 -8.19
C LYS D 68 -37.32 12.78 -8.64
N THR D 69 -36.80 12.55 -9.84
CA THR D 69 -36.80 11.20 -10.43
C THR D 69 -35.48 10.42 -10.23
N ILE D 70 -35.58 9.09 -10.29
CA ILE D 70 -34.38 8.24 -10.24
C ILE D 70 -33.38 8.61 -11.33
N GLU D 71 -33.88 8.95 -12.53
CA GLU D 71 -32.97 9.31 -13.62
C GLU D 71 -32.14 10.54 -13.25
N GLU D 72 -32.82 11.60 -12.81
CA GLU D 72 -32.11 12.86 -12.51
C GLU D 72 -31.14 12.70 -11.34
N GLN D 73 -31.55 11.94 -10.31
CA GLN D 73 -30.69 11.79 -9.14
C GLN D 73 -29.50 10.86 -9.42
N SER D 74 -29.73 9.80 -10.21
CA SER D 74 -28.64 8.91 -10.58
C SER D 74 -27.57 9.65 -11.35
N LYS D 75 -27.99 10.46 -12.31
CA LYS D 75 -27.03 11.22 -13.12
C LYS D 75 -26.22 12.17 -12.23
N GLN D 76 -26.92 12.85 -11.33
CA GLN D 76 -26.24 13.79 -10.45
C GLN D 76 -25.28 13.08 -9.48
N VAL D 77 -25.70 11.93 -8.93
CA VAL D 77 -24.80 11.12 -8.10
C VAL D 77 -23.50 10.76 -8.83
N MET D 78 -23.60 10.33 -10.09
CA MET D 78 -22.40 9.92 -10.83
C MET D 78 -21.52 11.14 -11.15
N THR D 79 -22.15 12.26 -11.45
CA THR D 79 -21.41 13.51 -11.69
C THR D 79 -20.70 13.97 -10.41
N ASN D 80 -21.40 13.91 -9.27
CA ASN D 80 -20.81 14.27 -7.96
C ASN D 80 -19.59 13.40 -7.65
N LEU D 81 -19.71 12.09 -7.89
CA LEU D 81 -18.57 11.21 -7.60
C LEU D 81 -17.37 11.59 -8.45
N LYS D 82 -17.62 11.85 -9.74
CA LYS D 82 -16.56 12.26 -10.65
C LYS D 82 -15.91 13.57 -10.12
N TYR D 83 -16.71 14.51 -9.59
CA TYR D 83 -16.09 15.78 -9.07
C TYR D 83 -15.15 15.45 -7.91
N VAL D 84 -15.62 14.56 -7.02
CA VAL D 84 -14.86 14.24 -5.83
C VAL D 84 -13.55 13.53 -6.24
N LEU D 85 -13.67 12.57 -7.16
CA LEU D 85 -12.52 11.79 -7.58
C LEU D 85 -11.49 12.70 -8.24
N GLU D 86 -11.96 13.60 -9.10
CA GLU D 86 -10.99 14.44 -9.84
C GLU D 86 -10.29 15.43 -8.88
N GLU D 87 -11.05 15.96 -7.93
CA GLU D 87 -10.47 16.84 -6.91
C GLU D 87 -9.34 16.11 -6.16
N ALA D 88 -9.56 14.83 -5.88
CA ALA D 88 -8.58 14.00 -5.14
C ALA D 88 -7.32 13.67 -5.97
N GLY D 89 -7.40 13.77 -7.29
CA GLY D 89 -6.30 13.34 -8.17
C GLY D 89 -6.57 11.97 -8.79
N SER D 90 -7.78 11.48 -8.59
CA SER D 90 -8.19 10.18 -9.14
C SER D 90 -9.10 10.43 -10.35
N SER D 91 -9.92 9.44 -10.74
CA SER D 91 -10.78 9.57 -11.93
C SER D 91 -11.78 8.43 -11.86
N MET D 92 -12.83 8.52 -12.69
CA MET D 92 -13.78 7.39 -12.84
C MET D 92 -13.09 6.08 -13.23
N ASP D 93 -12.09 6.19 -14.11
CA ASP D 93 -11.34 5.01 -14.62
C ASP D 93 -10.53 4.33 -13.50
N LYS D 94 -10.28 5.06 -12.40
CA LYS D 94 -9.48 4.53 -11.32
C LYS D 94 -10.34 4.07 -10.15
N VAL D 95 -11.67 4.02 -10.33
CA VAL D 95 -12.53 3.47 -9.25
C VAL D 95 -12.33 1.93 -9.13
N VAL D 96 -12.11 1.46 -7.91
CA VAL D 96 -11.88 0.03 -7.66
C VAL D 96 -13.16 -0.75 -7.31
N LYS D 97 -14.00 -0.13 -6.49
CA LYS D 97 -15.14 -0.81 -5.94
C LYS D 97 -16.20 0.23 -5.60
N THR D 98 -17.46 -0.06 -5.96
CA THR D 98 -18.54 0.84 -5.52
C THR D 98 -19.53 0.07 -4.65
N THR D 99 -20.36 0.79 -3.90
CA THR D 99 -21.58 0.21 -3.30
C THR D 99 -22.71 1.16 -3.71
N CYS D 100 -23.79 0.57 -4.28
CA CYS D 100 -24.89 1.31 -4.89
C CYS D 100 -26.15 1.00 -4.08
N LEU D 101 -26.69 2.00 -3.39
CA LEU D 101 -27.85 1.84 -2.53
C LEU D 101 -29.05 2.48 -3.21
N LEU D 102 -30.17 1.77 -3.23
CA LEU D 102 -31.39 2.32 -3.81
C LEU D 102 -32.50 2.44 -2.76
N ALA D 103 -33.36 3.44 -2.92
CA ALA D 103 -34.56 3.54 -2.07
C ALA D 103 -35.58 2.47 -2.47
N ASP D 104 -35.51 2.04 -3.72
CA ASP D 104 -36.46 1.06 -4.29
C ASP D 104 -35.76 0.12 -5.24
N ILE D 105 -35.82 -1.17 -4.93
CA ILE D 105 -35.10 -2.15 -5.79
C ILE D 105 -35.60 -2.10 -7.25
N LYS D 106 -36.85 -1.68 -7.45
CA LYS D 106 -37.47 -1.56 -8.82
C LYS D 106 -36.70 -0.58 -9.72
N ASP D 107 -35.95 0.32 -9.10
CA ASP D 107 -35.11 1.31 -9.84
C ASP D 107 -33.78 0.76 -10.34
N PHE D 108 -33.47 -0.50 -10.02
CA PHE D 108 -32.17 -1.11 -10.35
C PHE D 108 -31.83 -1.02 -11.87
N GLY D 109 -32.76 -1.40 -12.74
CA GLY D 109 -32.53 -1.33 -14.20
C GLY D 109 -32.19 0.08 -14.71
N VAL D 110 -32.96 1.08 -14.29
CA VAL D 110 -32.75 2.45 -14.77
C VAL D 110 -31.43 2.99 -14.23
N PHE D 111 -31.21 2.77 -12.94
CA PHE D 111 -29.94 3.17 -12.31
C PHE D 111 -28.76 2.54 -13.04
N ASN D 112 -28.84 1.23 -13.28
CA ASN D 112 -27.71 0.55 -13.87
CA ASN D 112 -27.73 0.49 -13.91
C ASN D 112 -27.29 1.11 -15.22
N GLY D 113 -28.25 1.47 -16.05
CA GLY D 113 -27.92 2.07 -17.37
C GLY D 113 -27.15 3.37 -17.25
N ILE D 114 -27.56 4.22 -16.32
CA ILE D 114 -26.92 5.52 -16.06
C ILE D 114 -25.53 5.33 -15.44
N TYR D 115 -25.43 4.38 -14.52
CA TYR D 115 -24.14 3.99 -13.94
C TYR D 115 -23.15 3.50 -15.01
N ALA D 116 -23.62 2.60 -15.89
CA ALA D 116 -22.82 2.09 -16.99
C ALA D 116 -22.34 3.18 -17.93
N GLU D 117 -23.24 4.09 -18.31
CA GLU D 117 -22.81 5.16 -19.19
CA GLU D 117 -22.83 5.21 -19.19
C GLU D 117 -21.75 6.06 -18.53
N ALA D 118 -21.89 6.30 -17.21
CA ALA D 118 -20.95 7.19 -16.50
C ALA D 118 -19.58 6.57 -16.45
N PHE D 119 -19.53 5.24 -16.29
CA PHE D 119 -18.23 4.56 -16.20
C PHE D 119 -17.62 4.18 -17.55
N GLY D 120 -18.36 4.37 -18.63
CA GLY D 120 -17.78 3.99 -19.94
C GLY D 120 -17.50 2.50 -19.99
N ASN D 121 -16.30 2.10 -20.41
CA ASN D 121 -15.99 0.67 -20.46
C ASN D 121 -15.25 0.23 -19.20
N HIS D 122 -15.15 1.11 -18.21
CA HIS D 122 -14.50 0.72 -16.94
C HIS D 122 -15.49 -0.03 -16.07
N LYS D 123 -15.03 -1.13 -15.44
CA LYS D 123 -15.95 -2.00 -14.68
C LYS D 123 -15.43 -2.25 -13.26
N PRO D 124 -15.75 -1.34 -12.34
CA PRO D 124 -15.34 -1.57 -10.95
C PRO D 124 -16.03 -2.81 -10.35
N ALA D 125 -15.47 -3.32 -9.25
CA ALA D 125 -16.22 -4.30 -8.48
C ALA D 125 -17.42 -3.53 -7.89
N ARG D 126 -18.48 -4.24 -7.51
CA ARG D 126 -19.70 -3.58 -7.07
C ARG D 126 -20.50 -4.43 -6.11
N ALA D 127 -21.23 -3.78 -5.19
CA ALA D 127 -22.31 -4.43 -4.43
C ALA D 127 -23.49 -3.48 -4.50
N CYS D 128 -24.70 -4.03 -4.60
CA CYS D 128 -25.91 -3.20 -4.76
CA CYS D 128 -25.88 -3.22 -4.75
C CYS D 128 -27.00 -3.75 -3.86
N PHE D 129 -27.79 -2.85 -3.30
CA PHE D 129 -28.94 -3.30 -2.52
C PHE D 129 -29.93 -2.17 -2.39
N ALA D 130 -31.16 -2.52 -2.06
CA ALA D 130 -32.14 -1.49 -1.63
C ALA D 130 -32.10 -1.32 -0.11
N ALA D 131 -31.88 -0.08 0.35
CA ALA D 131 -32.01 0.26 1.77
C ALA D 131 -33.48 0.45 2.11
N ALA D 132 -33.79 0.42 3.40
CA ALA D 132 -35.15 0.81 3.81
C ALA D 132 -35.43 2.30 3.50
N ALA D 133 -34.40 3.15 3.63
CA ALA D 133 -34.52 4.58 3.29
C ALA D 133 -33.11 5.15 3.27
N LEU D 134 -32.95 6.30 2.65
CA LEU D 134 -31.61 6.95 2.49
C LEU D 134 -31.70 8.37 3.02
N PRO D 135 -30.56 8.98 3.36
CA PRO D 135 -30.62 10.33 3.93
C PRO D 135 -31.37 11.31 3.02
N LYS D 136 -32.14 12.22 3.65
CA LYS D 136 -32.87 13.31 2.97
C LYS D 136 -33.89 12.78 1.95
N GLY D 137 -34.32 11.54 2.13
CA GLY D 137 -35.24 10.93 1.17
C GLY D 137 -34.66 10.71 -0.23
N ALA D 138 -33.34 10.67 -0.35
CA ALA D 138 -32.69 10.32 -1.63
C ALA D 138 -33.17 8.98 -2.20
N LEU D 139 -33.25 8.91 -3.54
CA LEU D 139 -33.63 7.70 -4.25
C LEU D 139 -32.45 6.74 -4.50
N VAL D 140 -31.22 7.27 -4.32
CA VAL D 140 -29.99 6.60 -4.71
C VAL D 140 -28.78 7.26 -4.04
N GLU D 141 -27.88 6.41 -3.53
CA GLU D 141 -26.64 6.82 -2.91
C GLU D 141 -25.55 5.87 -3.40
N VAL D 142 -24.39 6.41 -3.73
CA VAL D 142 -23.27 5.61 -4.25
C VAL D 142 -21.99 6.05 -3.58
N GLU D 143 -21.33 5.11 -2.93
CA GLU D 143 -19.99 5.36 -2.36
C GLU D 143 -18.95 4.52 -3.15
N CYS D 144 -17.66 4.82 -2.98
CA CYS D 144 -16.66 3.99 -3.68
C CYS D 144 -15.28 4.14 -3.08
N ILE D 145 -14.41 3.22 -3.48
CA ILE D 145 -12.98 3.36 -3.20
CA ILE D 145 -12.99 3.31 -3.19
C ILE D 145 -12.30 3.41 -4.55
N ALA D 146 -11.33 4.32 -4.64
CA ALA D 146 -10.60 4.49 -5.88
C ALA D 146 -9.10 4.53 -5.59
N THR D 147 -8.29 4.36 -6.64
CA THR D 147 -6.85 4.60 -6.49
C THR D 147 -6.47 5.96 -7.08
N LEU D 148 -5.42 6.58 -6.53
CA LEU D 148 -4.77 7.68 -7.21
C LEU D 148 -4.02 7.19 -8.44
N ALA E 14 2.14 -15.44 -12.32
CA ALA E 14 3.47 -15.24 -11.68
C ALA E 14 4.35 -14.32 -12.52
N GLN E 15 4.13 -14.25 -13.85
CA GLN E 15 4.98 -13.46 -14.78
C GLN E 15 4.23 -12.53 -15.77
N THR E 16 4.80 -11.36 -16.10
CA THR E 16 4.21 -10.44 -17.09
C THR E 16 4.14 -11.07 -18.52
N GLN E 17 3.19 -10.60 -19.34
CA GLN E 17 2.97 -11.18 -20.68
C GLN E 17 3.06 -10.12 -21.81
N GLY E 18 3.84 -9.06 -21.56
CA GLY E 18 4.03 -7.96 -22.53
C GLY E 18 3.44 -6.65 -22.02
N PRO E 19 3.84 -5.50 -22.65
CA PRO E 19 3.28 -4.22 -22.17
C PRO E 19 1.76 -4.19 -22.35
N GLY E 20 1.05 -3.82 -21.30
CA GLY E 20 -0.43 -3.82 -21.30
C GLY E 20 -1.06 -5.00 -20.58
N SER E 21 -0.32 -6.09 -20.44
CA SER E 21 -0.87 -7.28 -19.79
C SER E 21 -0.97 -7.13 -18.26
N MET E 22 -0.05 -6.38 -17.65
CA MET E 22 -0.10 -6.05 -16.20
C MET E 22 -0.39 -4.57 -16.00
N SER E 23 -1.31 -4.25 -15.10
CA SER E 23 -1.54 -2.84 -14.77
C SER E 23 -1.96 -2.59 -13.32
N LYS E 24 -2.17 -1.31 -13.01
CA LYS E 24 -2.51 -0.86 -11.68
C LYS E 24 -3.72 -1.59 -11.14
N LEU E 25 -4.77 -1.65 -11.96
CA LEU E 25 -6.01 -2.35 -11.62
C LEU E 25 -6.12 -3.62 -12.45
N THR E 26 -6.34 -4.76 -11.79
CA THR E 26 -6.43 -6.03 -12.49
C THR E 26 -7.85 -6.54 -12.30
N VAL E 27 -8.46 -6.89 -13.42
CA VAL E 27 -9.79 -7.47 -13.42
C VAL E 27 -9.71 -8.96 -13.11
N VAL E 28 -10.48 -9.40 -12.11
CA VAL E 28 -10.55 -10.81 -11.77
C VAL E 28 -11.74 -11.41 -12.52
N ALA E 29 -11.51 -12.49 -13.26
CA ALA E 29 -12.61 -13.14 -13.98
C ALA E 29 -12.45 -14.66 -13.91
N SER E 30 -13.08 -15.27 -12.91
CA SER E 30 -13.05 -16.73 -12.76
C SER E 30 -14.16 -17.36 -13.61
N PRO E 31 -13.83 -18.41 -14.41
CA PRO E 31 -14.89 -19.14 -15.12
C PRO E 31 -15.72 -19.99 -14.16
N LEU E 32 -15.39 -19.99 -12.87
CA LEU E 32 -16.11 -20.86 -11.91
C LEU E 32 -17.13 -20.05 -11.10
N ALA E 33 -17.07 -18.73 -11.23
CA ALA E 33 -18.01 -17.87 -10.51
C ALA E 33 -18.91 -17.28 -11.58
N PRO E 34 -20.08 -16.72 -11.21
CA PRO E 34 -20.99 -16.12 -12.23
C PRO E 34 -20.31 -15.09 -13.09
N GLU E 35 -20.57 -15.14 -14.39
CA GLU E 35 -19.93 -14.20 -15.29
CA GLU E 35 -19.92 -14.18 -15.28
C GLU E 35 -20.40 -12.76 -14.99
N ALA E 36 -19.47 -11.82 -15.03
CA ALA E 36 -19.84 -10.43 -14.78
C ALA E 36 -20.37 -9.85 -16.09
N VAL E 37 -21.68 -9.88 -16.21
CA VAL E 37 -22.38 -9.45 -17.40
C VAL E 37 -22.97 -8.13 -16.93
N GLY E 38 -22.46 -7.05 -17.48
N GLY E 38 -22.47 -7.04 -17.48
CA GLY E 38 -22.93 -5.74 -17.10
CA GLY E 38 -22.93 -5.76 -17.00
C GLY E 38 -21.76 -4.84 -16.81
C GLY E 38 -21.74 -5.02 -16.45
N ALA E 39 -22.00 -3.79 -16.02
CA ALA E 39 -20.99 -2.77 -15.78
C ALA E 39 -20.18 -3.01 -14.52
N TYR E 40 -19.79 -4.26 -14.24
CA TYR E 40 -18.97 -4.54 -13.06
C TYR E 40 -18.03 -5.70 -13.37
N SER E 41 -17.07 -5.91 -12.45
CA SER E 41 -16.14 -7.06 -12.51
C SER E 41 -16.38 -7.89 -11.25
N GLN E 42 -16.07 -9.19 -11.30
CA GLN E 42 -16.20 -10.06 -10.13
C GLN E 42 -15.37 -9.50 -8.99
N ALA E 43 -14.15 -9.06 -9.34
CA ALA E 43 -13.28 -8.37 -8.39
C ALA E 43 -12.24 -7.56 -9.11
N ILE E 44 -11.63 -6.65 -8.35
CA ILE E 44 -10.56 -5.82 -8.83
C ILE E 44 -9.40 -5.94 -7.86
N ILE E 45 -8.19 -6.18 -8.37
CA ILE E 45 -7.00 -6.15 -7.50
C ILE E 45 -6.34 -4.79 -7.57
N CYS E 46 -6.05 -4.22 -6.40
CA CYS E 46 -5.34 -2.95 -6.36
C CYS E 46 -4.35 -2.94 -5.18
N ASN E 47 -3.08 -2.65 -5.49
CA ASN E 47 -2.03 -2.57 -4.45
C ASN E 47 -2.02 -3.77 -3.52
N GLY E 48 -2.16 -4.94 -4.11
CA GLY E 48 -2.02 -6.19 -3.38
C GLY E 48 -3.22 -6.53 -2.50
N MET E 49 -4.35 -5.82 -2.68
CA MET E 49 -5.63 -6.15 -2.04
C MET E 49 -6.65 -6.51 -3.13
N VAL E 50 -7.58 -7.43 -2.81
CA VAL E 50 -8.62 -7.88 -3.77
C VAL E 50 -9.96 -7.37 -3.27
N TYR E 51 -10.62 -6.56 -4.10
CA TYR E 51 -11.92 -5.95 -3.72
C TYR E 51 -13.00 -6.72 -4.47
N CYS E 52 -13.78 -7.54 -3.73
CA CYS E 52 -14.72 -8.47 -4.37
C CYS E 52 -16.12 -7.85 -4.40
N SER E 53 -16.78 -7.98 -5.56
CA SER E 53 -18.19 -7.63 -5.70
C SER E 53 -19.07 -8.45 -4.75
N GLY E 54 -20.27 -7.93 -4.47
CA GLY E 54 -21.21 -8.71 -3.66
C GLY E 54 -21.74 -9.91 -4.42
N GLN E 55 -21.34 -11.12 -4.05
CA GLN E 55 -21.85 -12.32 -4.72
C GLN E 55 -23.26 -12.63 -4.26
N ILE E 56 -24.13 -13.01 -5.20
CA ILE E 56 -25.42 -13.64 -4.87
C ILE E 56 -25.32 -15.09 -5.33
N GLY E 57 -26.34 -15.90 -5.03
CA GLY E 57 -26.20 -17.36 -5.07
C GLY E 57 -26.53 -17.92 -6.44
N LEU E 58 -26.02 -17.27 -7.49
CA LEU E 58 -26.17 -17.77 -8.89
C LEU E 58 -25.13 -18.84 -9.15
N ASP E 59 -25.53 -19.85 -9.92
CA ASP E 59 -24.64 -20.94 -10.32
C ASP E 59 -24.20 -20.63 -11.73
N ARG E 60 -22.88 -20.45 -11.92
CA ARG E 60 -22.31 -20.18 -13.23
CA ARG E 60 -22.34 -20.16 -13.24
C ARG E 60 -22.75 -21.23 -14.27
N LYS E 61 -22.91 -22.47 -13.84
CA LYS E 61 -23.30 -23.52 -14.80
C LYS E 61 -24.71 -23.35 -15.32
N THR E 62 -25.60 -22.71 -14.55
CA THR E 62 -26.99 -22.60 -15.02
C THR E 62 -27.46 -21.17 -15.36
N GLY E 63 -26.71 -20.18 -14.91
CA GLY E 63 -27.17 -18.79 -14.98
C GLY E 63 -28.36 -18.51 -14.09
N ASP E 64 -28.65 -19.41 -13.17
CA ASP E 64 -29.78 -19.18 -12.26
C ASP E 64 -29.34 -19.42 -10.82
N PHE E 65 -30.22 -19.05 -9.87
CA PHE E 65 -29.99 -19.34 -8.47
C PHE E 65 -29.81 -20.82 -8.26
N ALA E 66 -28.87 -21.16 -7.39
CA ALA E 66 -28.66 -22.56 -7.02
C ALA E 66 -29.88 -23.22 -6.44
N GLY E 67 -30.75 -22.40 -5.84
CA GLY E 67 -31.99 -22.92 -5.28
C GLY E 67 -32.79 -21.76 -4.70
N LYS E 68 -34.04 -22.07 -4.31
CA LYS E 68 -34.95 -21.07 -3.78
C LYS E 68 -34.71 -20.80 -2.29
N THR E 69 -33.95 -21.63 -1.60
CA THR E 69 -33.85 -21.52 -0.13
C THR E 69 -32.60 -20.77 0.30
N ILE E 70 -32.64 -20.24 1.52
CA ILE E 70 -31.46 -19.61 2.11
C ILE E 70 -30.25 -20.55 2.18
N GLU E 71 -30.48 -21.85 2.48
CA GLU E 71 -29.37 -22.80 2.56
C GLU E 71 -28.67 -22.92 1.20
N GLU E 72 -29.44 -23.12 0.15
CA GLU E 72 -28.85 -23.36 -1.15
C GLU E 72 -28.12 -22.08 -1.61
N GLN E 73 -28.73 -20.93 -1.40
CA GLN E 73 -28.14 -19.67 -1.91
C GLN E 73 -26.87 -19.31 -1.14
N SER E 74 -26.90 -19.56 0.19
CA SER E 74 -25.76 -19.25 1.06
C SER E 74 -24.54 -20.08 0.66
N LYS E 75 -24.77 -21.37 0.39
CA LYS E 75 -23.70 -22.28 -0.03
C LYS E 75 -23.09 -21.83 -1.34
N GLN E 76 -23.96 -21.50 -2.32
CA GLN E 76 -23.47 -21.04 -3.61
C GLN E 76 -22.67 -19.72 -3.47
N VAL E 77 -23.16 -18.78 -2.67
CA VAL E 77 -22.44 -17.50 -2.43
C VAL E 77 -21.03 -17.76 -1.90
N MET E 78 -20.93 -18.62 -0.90
CA MET E 78 -19.59 -18.88 -0.30
C MET E 78 -18.66 -19.55 -1.32
N THR E 79 -19.20 -20.46 -2.13
CA THR E 79 -18.44 -21.10 -3.23
C THR E 79 -18.00 -20.08 -4.30
N ASN E 80 -18.94 -19.23 -4.73
CA ASN E 80 -18.65 -18.15 -5.68
C ASN E 80 -17.50 -17.27 -5.19
N LEU E 81 -17.59 -16.83 -3.95
CA LEU E 81 -16.54 -15.96 -3.35
C LEU E 81 -15.22 -16.66 -3.33
N LYS E 82 -15.21 -17.92 -2.92
CA LYS E 82 -13.98 -18.67 -2.90
C LYS E 82 -13.33 -18.73 -4.28
N TYR E 83 -14.09 -19.04 -5.33
CA TYR E 83 -13.48 -19.15 -6.65
C TYR E 83 -12.98 -17.80 -7.18
N VAL E 84 -13.72 -16.73 -6.88
CA VAL E 84 -13.26 -15.35 -7.23
C VAL E 84 -11.90 -15.08 -6.55
N LEU E 85 -11.82 -15.32 -5.24
CA LEU E 85 -10.60 -15.07 -4.48
C LEU E 85 -9.42 -15.88 -5.02
N GLU E 86 -9.65 -17.18 -5.22
CA GLU E 86 -8.57 -18.03 -5.74
C GLU E 86 -8.07 -17.65 -7.12
N GLU E 87 -9.00 -17.22 -7.99
CA GLU E 87 -8.62 -16.79 -9.34
C GLU E 87 -7.72 -15.55 -9.19
N ALA E 88 -8.05 -14.70 -8.22
CA ALA E 88 -7.24 -13.47 -7.93
C ALA E 88 -5.83 -13.74 -7.39
N GLY E 89 -5.59 -14.98 -6.93
CA GLY E 89 -4.37 -15.33 -6.21
C GLY E 89 -4.52 -15.20 -4.70
N SER E 90 -5.74 -15.00 -4.23
CA SER E 90 -6.01 -14.90 -2.81
C SER E 90 -6.67 -16.24 -2.38
N SER E 91 -7.37 -16.22 -1.25
CA SER E 91 -7.94 -17.44 -0.67
C SER E 91 -8.93 -17.04 0.40
N MET E 92 -9.74 -18.01 0.85
CA MET E 92 -10.63 -17.78 1.99
C MET E 92 -9.88 -17.40 3.25
N ASP E 93 -8.70 -17.98 3.48
CA ASP E 93 -7.89 -17.66 4.68
C ASP E 93 -7.32 -16.23 4.67
N LYS E 94 -7.32 -15.58 3.50
CA LYS E 94 -6.75 -14.25 3.33
C LYS E 94 -7.82 -13.14 3.27
N VAL E 95 -9.07 -13.51 3.54
CA VAL E 95 -10.15 -12.51 3.62
C VAL E 95 -10.03 -11.67 4.90
N VAL E 96 -10.07 -10.35 4.74
CA VAL E 96 -9.89 -9.41 5.83
C VAL E 96 -11.22 -8.96 6.44
N LYS E 97 -12.20 -8.73 5.57
CA LYS E 97 -13.47 -8.14 6.02
C LYS E 97 -14.57 -8.52 5.04
N THR E 98 -15.73 -8.91 5.57
CA THR E 98 -16.88 -9.20 4.65
C THR E 98 -18.04 -8.31 5.07
N THR E 99 -19.01 -8.16 4.17
CA THR E 99 -20.29 -7.53 4.49
C THR E 99 -21.32 -8.53 4.01
N CYS E 100 -22.23 -8.88 4.93
CA CYS E 100 -23.18 -9.98 4.74
C CYS E 100 -24.58 -9.37 4.79
N LEU E 101 -25.24 -9.33 3.64
CA LEU E 101 -26.56 -8.69 3.45
C LEU E 101 -27.60 -9.79 3.33
N LEU E 102 -28.68 -9.67 4.10
CA LEU E 102 -29.74 -10.67 4.06
C LEU E 102 -31.02 -10.03 3.59
N ALA E 103 -31.86 -10.82 2.96
CA ALA E 103 -33.22 -10.37 2.65
C ALA E 103 -34.09 -10.37 3.90
N ASP E 104 -33.74 -11.23 4.87
CA ASP E 104 -34.53 -11.37 6.09
C ASP E 104 -33.58 -11.68 7.23
N ILE E 105 -33.62 -10.82 8.25
CA ILE E 105 -32.69 -10.95 9.37
C ILE E 105 -32.86 -12.30 10.07
N LYS E 106 -34.05 -12.88 9.97
CA LYS E 106 -34.30 -14.18 10.61
C LYS E 106 -33.43 -15.31 10.05
N ASP E 107 -32.91 -15.13 8.83
CA ASP E 107 -32.03 -16.12 8.22
C ASP E 107 -30.59 -16.05 8.73
N PHE E 108 -30.29 -15.13 9.65
CA PHE E 108 -28.92 -15.01 10.10
C PHE E 108 -28.28 -16.31 10.62
N GLY E 109 -29.00 -17.03 11.49
CA GLY E 109 -28.43 -18.26 12.10
C GLY E 109 -28.03 -19.30 11.06
N VAL E 110 -28.90 -19.51 10.06
CA VAL E 110 -28.63 -20.56 9.07
C VAL E 110 -27.49 -20.05 8.20
N PHE E 111 -27.58 -18.79 7.80
CA PHE E 111 -26.49 -18.21 6.98
C PHE E 111 -25.14 -18.36 7.67
N ASN E 112 -25.11 -17.92 8.92
CA ASN E 112 -23.88 -17.91 9.69
C ASN E 112 -23.25 -19.29 9.81
N GLY E 113 -24.06 -20.35 9.98
CA GLY E 113 -23.48 -21.71 10.08
C GLY E 113 -22.74 -22.06 8.77
N ILE E 114 -23.33 -21.69 7.63
CA ILE E 114 -22.76 -22.05 6.34
C ILE E 114 -21.50 -21.22 6.06
N TYR E 115 -21.56 -19.96 6.48
CA TYR E 115 -20.46 -19.02 6.34
C TYR E 115 -19.26 -19.51 7.20
N ALA E 116 -19.53 -19.91 8.43
CA ALA E 116 -18.47 -20.40 9.32
C ALA E 116 -17.83 -21.68 8.79
N GLU E 117 -18.65 -22.57 8.24
CA GLU E 117 -18.16 -23.82 7.69
C GLU E 117 -17.29 -23.56 6.44
N ALA E 118 -17.63 -22.52 5.66
CA ALA E 118 -16.87 -22.19 4.46
C ALA E 118 -15.51 -21.52 4.80
N PHE E 119 -15.48 -20.78 5.90
CA PHE E 119 -14.25 -20.15 6.36
C PHE E 119 -13.40 -21.01 7.28
N GLY E 120 -13.90 -22.16 7.73
CA GLY E 120 -13.14 -22.97 8.68
C GLY E 120 -12.86 -22.22 9.98
N ASN E 121 -11.59 -22.14 10.37
CA ASN E 121 -11.20 -21.47 11.60
C ASN E 121 -10.98 -19.98 11.34
N HIS E 122 -10.99 -19.58 10.07
CA HIS E 122 -10.67 -18.18 9.74
C HIS E 122 -11.83 -17.25 10.10
N LYS E 123 -11.52 -16.11 10.72
CA LYS E 123 -12.57 -15.17 11.21
C LYS E 123 -12.34 -13.72 10.75
N PRO E 124 -12.80 -13.38 9.53
CA PRO E 124 -12.66 -12.03 9.04
C PRO E 124 -13.43 -11.05 9.89
N ALA E 125 -13.06 -9.77 9.82
CA ALA E 125 -13.98 -8.72 10.32
C ALA E 125 -15.26 -8.80 9.51
N ARG E 126 -16.37 -8.31 10.06
CA ARG E 126 -17.64 -8.52 9.40
CA ARG E 126 -17.66 -8.53 9.43
C ARG E 126 -18.67 -7.47 9.80
N ALA E 127 -19.52 -7.11 8.83
CA ALA E 127 -20.74 -6.38 9.17
C ALA E 127 -21.91 -7.12 8.55
N CYS E 128 -23.06 -7.14 9.23
CA CYS E 128 -24.24 -7.89 8.78
CA CYS E 128 -24.21 -7.85 8.71
C CYS E 128 -25.48 -7.02 8.94
N PHE E 129 -26.40 -7.09 7.99
CA PHE E 129 -27.69 -6.40 8.14
C PHE E 129 -28.67 -6.99 7.16
N ALA E 130 -29.95 -6.68 7.34
CA ALA E 130 -30.96 -7.02 6.34
C ALA E 130 -31.25 -5.79 5.53
N ALA E 131 -31.17 -5.97 4.21
CA ALA E 131 -31.58 -4.98 3.23
C ALA E 131 -33.08 -5.04 3.03
N ALA E 132 -33.65 -4.00 2.45
CA ALA E 132 -35.06 -4.02 2.06
C ALA E 132 -35.27 -5.06 0.95
N ALA E 133 -34.27 -5.18 0.06
CA ALA E 133 -34.35 -6.11 -1.06
C ALA E 133 -32.95 -6.16 -1.67
N LEU E 134 -32.66 -7.29 -2.33
CA LEU E 134 -31.40 -7.49 -2.99
C LEU E 134 -31.64 -7.73 -4.50
N PRO E 135 -30.58 -7.60 -5.32
CA PRO E 135 -30.74 -7.74 -6.78
C PRO E 135 -31.34 -9.09 -7.11
N LYS E 136 -32.26 -9.10 -8.08
CA LYS E 136 -32.82 -10.36 -8.59
C LYS E 136 -33.60 -11.15 -7.55
N GLY E 137 -34.03 -10.47 -6.47
CA GLY E 137 -34.73 -11.14 -5.39
C GLY E 137 -33.87 -12.12 -4.57
N ALA E 138 -32.54 -12.00 -4.67
CA ALA E 138 -31.61 -12.82 -3.84
C ALA E 138 -31.94 -12.75 -2.38
N LEU E 139 -31.74 -13.87 -1.69
CA LEU E 139 -31.91 -13.95 -0.24
C LEU E 139 -30.65 -13.54 0.53
N VAL E 140 -29.51 -13.50 -0.14
CA VAL E 140 -28.24 -13.21 0.59
C VAL E 140 -27.26 -12.72 -0.43
N GLU E 141 -26.45 -11.73 -0.05
CA GLU E 141 -25.38 -11.19 -0.88
C GLU E 141 -24.15 -11.02 0.03
N VAL E 142 -22.96 -11.43 -0.42
CA VAL E 142 -21.78 -11.23 0.40
C VAL E 142 -20.65 -10.65 -0.43
N GLU E 143 -20.12 -9.52 0.05
CA GLU E 143 -18.93 -8.91 -0.55
C GLU E 143 -17.77 -9.04 0.44
N CYS E 144 -16.55 -8.81 -0.05
CA CYS E 144 -15.41 -8.82 0.83
C CYS E 144 -14.21 -8.12 0.27
N ILE E 145 -13.27 -7.86 1.18
CA ILE E 145 -11.93 -7.47 0.78
CA ILE E 145 -11.92 -7.42 0.85
C ILE E 145 -10.97 -8.51 1.34
N ALA E 146 -9.93 -8.79 0.57
CA ALA E 146 -8.96 -9.79 0.96
C ALA E 146 -7.58 -9.33 0.52
N THR E 147 -6.57 -9.97 1.08
CA THR E 147 -5.22 -9.71 0.64
C THR E 147 -4.68 -10.79 -0.32
N LEU E 148 -3.70 -10.41 -1.13
CA LEU E 148 -2.89 -11.39 -1.87
C LEU E 148 -1.91 -12.15 -0.98
N ALA F 14 7.59 -1.56 19.85
CA ALA F 14 6.77 -2.69 19.26
C ALA F 14 7.70 -3.63 18.49
N GLN F 15 7.82 -4.86 19.01
CA GLN F 15 8.87 -5.80 18.60
C GLN F 15 8.29 -7.20 18.30
N THR F 16 8.92 -7.92 17.36
CA THR F 16 8.60 -9.34 17.11
C THR F 16 8.90 -10.21 18.33
N GLN F 17 8.09 -11.27 18.53
CA GLN F 17 8.34 -12.29 19.57
C GLN F 17 8.42 -13.72 18.96
N GLY F 18 9.39 -13.97 18.08
CA GLY F 18 9.55 -15.29 17.44
C GLY F 18 8.79 -15.44 16.11
N PRO F 19 9.24 -16.36 15.22
CA PRO F 19 8.54 -16.58 13.93
C PRO F 19 7.03 -16.79 14.06
N MET F 22 4.40 -12.05 14.39
CA MET F 22 3.86 -11.12 13.40
C MET F 22 3.51 -11.85 12.11
N SER F 23 2.30 -11.62 11.59
CA SER F 23 1.79 -12.26 10.37
C SER F 23 1.06 -11.23 9.49
N LYS F 24 0.69 -11.63 8.28
CA LYS F 24 0.13 -10.66 7.36
C LYS F 24 -1.21 -10.11 7.85
N LEU F 25 -2.04 -10.98 8.45
CA LEU F 25 -3.31 -10.54 9.05
C LEU F 25 -3.16 -10.60 10.56
N THR F 26 -3.60 -9.57 11.26
CA THR F 26 -3.55 -9.60 12.73
C THR F 26 -4.97 -9.47 13.26
N VAL F 27 -5.37 -10.37 14.17
CA VAL F 27 -6.66 -10.28 14.81
C VAL F 27 -6.62 -9.27 15.95
N VAL F 28 -7.61 -8.38 15.98
CA VAL F 28 -7.75 -7.38 17.07
C VAL F 28 -8.83 -7.90 18.02
N ALA F 29 -8.50 -7.96 19.31
CA ALA F 29 -9.49 -8.43 20.30
C ALA F 29 -9.34 -7.59 21.58
N SER F 30 -10.20 -6.61 21.75
CA SER F 30 -10.18 -5.76 22.89
C SER F 30 -11.11 -6.33 23.96
N PRO F 31 -10.65 -6.42 25.21
CA PRO F 31 -11.53 -6.92 26.28
C PRO F 31 -12.60 -5.92 26.71
N LEU F 32 -12.52 -4.71 26.18
CA LEU F 32 -13.43 -3.64 26.54
C LEU F 32 -14.64 -3.56 25.59
N ALA F 33 -14.46 -3.99 24.34
CA ALA F 33 -15.52 -4.01 23.36
C ALA F 33 -16.26 -5.36 23.43
N PRO F 34 -17.51 -5.44 22.90
CA PRO F 34 -18.25 -6.72 22.95
C PRO F 34 -17.42 -7.87 22.37
N GLU F 35 -17.51 -9.04 22.99
CA GLU F 35 -16.72 -10.19 22.53
C GLU F 35 -17.21 -10.59 21.13
N ALA F 36 -16.27 -10.85 20.22
CA ALA F 36 -16.60 -11.39 18.90
C ALA F 36 -16.85 -12.90 19.10
N VAL F 37 -18.10 -13.27 19.27
CA VAL F 37 -18.44 -14.67 19.44
C VAL F 37 -18.92 -15.21 18.09
N GLY F 38 -18.34 -16.32 17.69
CA GLY F 38 -18.69 -16.91 16.42
C GLY F 38 -17.65 -16.61 15.37
N ALA F 39 -18.10 -16.52 14.13
CA ALA F 39 -17.19 -16.66 13.01
C ALA F 39 -16.68 -15.29 12.52
N TYR F 40 -16.34 -14.40 13.44
CA TYR F 40 -15.76 -13.10 13.07
C TYR F 40 -14.77 -12.58 14.13
N SER F 41 -14.02 -11.54 13.77
CA SER F 41 -13.09 -10.85 14.67
C SER F 41 -13.54 -9.41 14.78
N GLN F 42 -13.30 -8.79 15.93
CA GLN F 42 -13.65 -7.36 16.06
C GLN F 42 -13.02 -6.50 14.95
N ALA F 43 -11.75 -6.80 14.62
CA ALA F 43 -11.11 -6.10 13.49
C ALA F 43 -9.95 -6.95 13.02
N ILE F 44 -9.52 -6.69 11.80
CA ILE F 44 -8.31 -7.32 11.28
C ILE F 44 -7.40 -6.20 10.76
N ILE F 45 -6.11 -6.32 11.07
CA ILE F 45 -5.10 -5.39 10.54
C ILE F 45 -4.42 -6.03 9.35
N CYS F 46 -4.28 -5.30 8.24
CA CYS F 46 -3.65 -5.80 7.03
C CYS F 46 -2.99 -4.64 6.29
N ASN F 47 -1.66 -4.73 6.09
CA ASN F 47 -0.86 -3.71 5.37
C ASN F 47 -1.02 -2.33 5.95
N GLY F 48 -1.04 -2.26 7.28
CA GLY F 48 -1.09 -0.98 7.98
C GLY F 48 -2.44 -0.33 8.04
N MET F 49 -3.48 -1.08 7.67
CA MET F 49 -4.86 -0.57 7.75
C MET F 49 -5.68 -1.47 8.65
N VAL F 50 -6.68 -0.89 9.30
CA VAL F 50 -7.46 -1.61 10.29
C VAL F 50 -8.90 -1.68 9.79
N TYR F 51 -9.41 -2.89 9.59
CA TYR F 51 -10.78 -3.08 9.04
C TYR F 51 -11.63 -3.52 10.21
N CYS F 52 -12.56 -2.66 10.67
CA CYS F 52 -13.35 -2.95 11.87
C CYS F 52 -14.72 -3.47 11.50
N SER F 53 -15.14 -4.48 12.25
CA SER F 53 -16.48 -5.04 12.14
C SER F 53 -17.52 -3.99 12.54
N GLY F 54 -18.76 -4.24 12.13
CA GLY F 54 -19.85 -3.37 12.58
C GLY F 54 -20.06 -3.50 14.09
N GLN F 55 -19.95 -2.41 14.84
CA GLN F 55 -20.32 -2.43 16.26
C GLN F 55 -21.78 -2.06 16.45
N ILE F 56 -22.45 -2.77 17.35
CA ILE F 56 -23.78 -2.38 17.82
C ILE F 56 -23.61 -1.93 19.30
N GLY F 57 -24.66 -1.37 19.91
CA GLY F 57 -24.53 -0.58 21.17
C GLY F 57 -24.57 -1.46 22.42
N LEU F 58 -23.91 -2.61 22.37
CA LEU F 58 -23.80 -3.52 23.52
C LEU F 58 -22.72 -3.07 24.48
N ASP F 59 -22.98 -3.26 25.77
CA ASP F 59 -21.99 -2.96 26.83
C ASP F 59 -21.41 -4.33 27.22
N ARG F 60 -20.12 -4.52 26.98
CA ARG F 60 -19.41 -5.79 27.29
C ARG F 60 -19.57 -6.18 28.76
N LYS F 61 -19.69 -5.20 29.65
CA LYS F 61 -19.84 -5.49 31.08
C LYS F 61 -21.18 -6.16 31.39
N THR F 62 -22.21 -5.86 30.58
CA THR F 62 -23.54 -6.43 30.83
C THR F 62 -23.98 -7.47 29.81
N GLY F 63 -23.37 -7.49 28.63
CA GLY F 63 -23.82 -8.36 27.52
C GLY F 63 -25.11 -7.87 26.87
N ASP F 64 -25.65 -6.75 27.38
CA ASP F 64 -26.89 -6.13 26.92
C ASP F 64 -26.66 -4.76 26.28
N PHE F 65 -27.67 -4.28 25.57
CA PHE F 65 -27.62 -2.93 25.01
C PHE F 65 -27.45 -1.87 26.16
N ALA F 66 -26.70 -0.80 25.90
CA ALA F 66 -26.46 0.24 26.89
C ALA F 66 -27.76 0.92 27.28
N GLY F 67 -28.74 0.92 26.37
CA GLY F 67 -30.07 1.43 26.74
C GLY F 67 -31.00 1.19 25.60
N LYS F 68 -32.25 1.60 25.78
CA LYS F 68 -33.27 1.40 24.77
C LYS F 68 -33.34 2.57 23.78
N THR F 69 -32.71 3.71 24.07
CA THR F 69 -32.88 4.88 23.20
C THR F 69 -31.79 4.92 22.15
N ILE F 70 -32.10 5.58 21.03
CA ILE F 70 -31.09 5.85 20.03
C ILE F 70 -29.87 6.57 20.66
N GLU F 71 -30.13 7.45 21.63
CA GLU F 71 -29.03 8.24 22.25
C GLU F 71 -28.08 7.28 22.94
N GLU F 72 -28.63 6.35 23.70
CA GLU F 72 -27.78 5.49 24.53
C GLU F 72 -27.00 4.53 23.67
N GLN F 73 -27.67 3.94 22.68
CA GLN F 73 -27.04 2.99 21.80
C GLN F 73 -25.98 3.64 20.92
N SER F 74 -26.26 4.84 20.44
CA SER F 74 -25.30 5.53 19.56
C SER F 74 -24.00 5.83 20.31
N LYS F 75 -24.13 6.36 21.51
CA LYS F 75 -22.96 6.63 22.33
C LYS F 75 -22.17 5.34 22.57
N GLN F 76 -22.87 4.25 22.92
CA GLN F 76 -22.16 2.97 23.17
C GLN F 76 -21.46 2.42 21.90
N VAL F 77 -22.10 2.56 20.75
CA VAL F 77 -21.45 2.12 19.49
C VAL F 77 -20.15 2.91 19.30
N MET F 78 -20.19 4.23 19.44
CA MET F 78 -18.95 5.01 19.23
C MET F 78 -17.86 4.64 20.21
N THR F 79 -18.26 4.38 21.46
CA THR F 79 -17.32 3.97 22.50
C THR F 79 -16.72 2.61 22.16
N ASN F 80 -17.55 1.67 21.73
CA ASN F 80 -17.05 0.36 21.31
C ASN F 80 -16.07 0.47 20.16
N LEU F 81 -16.38 1.27 19.14
CA LEU F 81 -15.42 1.43 18.06
C LEU F 81 -14.09 1.99 18.54
N LYS F 82 -14.13 3.02 19.40
CA LYS F 82 -12.91 3.54 19.99
CA LYS F 82 -12.90 3.54 19.99
C LYS F 82 -12.08 2.46 20.70
N TYR F 83 -12.74 1.61 21.52
CA TYR F 83 -11.99 0.49 22.14
C TYR F 83 -11.23 -0.40 21.11
N VAL F 84 -11.95 -0.82 20.04
CA VAL F 84 -11.40 -1.68 19.00
C VAL F 84 -10.24 -0.96 18.29
N LEU F 85 -10.47 0.31 17.92
CA LEU F 85 -9.43 1.10 17.25
C LEU F 85 -8.16 1.22 18.09
N GLU F 86 -8.34 1.58 19.35
CA GLU F 86 -7.21 1.75 20.28
C GLU F 86 -6.46 0.47 20.55
N GLU F 87 -7.17 -0.65 20.65
CA GLU F 87 -6.54 -1.95 20.81
C GLU F 87 -5.68 -2.32 19.59
N ALA F 88 -6.12 -1.90 18.40
CA ALA F 88 -5.40 -2.14 17.16
C ALA F 88 -4.14 -1.30 16.99
N GLY F 89 -3.94 -0.32 17.86
CA GLY F 89 -2.86 0.68 17.72
C GLY F 89 -3.30 1.83 16.83
N SER F 90 -4.60 1.92 16.56
CA SER F 90 -5.16 3.06 15.81
C SER F 90 -5.87 4.03 16.76
N SER F 91 -6.79 4.84 16.26
CA SER F 91 -7.50 5.82 17.11
C SER F 91 -8.69 6.38 16.37
N MET F 92 -9.51 7.19 17.04
CA MET F 92 -10.63 7.79 16.34
C MET F 92 -10.11 8.79 15.28
N ASP F 93 -8.99 9.43 15.62
CA ASP F 93 -8.41 10.43 14.72
C ASP F 93 -7.82 9.85 13.46
N LYS F 94 -7.59 8.54 13.46
CA LYS F 94 -7.06 7.83 12.30
C LYS F 94 -8.11 7.08 11.45
N VAL F 95 -9.39 7.30 11.74
CA VAL F 95 -10.46 6.65 10.96
C VAL F 95 -10.57 7.32 9.59
N VAL F 96 -10.58 6.48 8.56
CA VAL F 96 -10.61 6.97 7.19
C VAL F 96 -12.04 7.07 6.67
N LYS F 97 -12.84 6.05 6.97
CA LYS F 97 -14.22 5.97 6.41
C LYS F 97 -15.10 5.14 7.35
N THR F 98 -16.36 5.56 7.51
CA THR F 98 -17.30 4.77 8.31
C THR F 98 -18.54 4.49 7.42
N THR F 99 -19.26 3.45 7.80
CA THR F 99 -20.60 3.19 7.26
C THR F 99 -21.51 3.11 8.47
N CYS F 100 -22.59 3.90 8.43
CA CYS F 100 -23.45 4.07 9.61
C CYS F 100 -24.86 3.57 9.24
N LEU F 101 -25.31 2.52 9.92
CA LEU F 101 -26.54 1.85 9.60
C LEU F 101 -27.56 2.15 10.71
N LEU F 102 -28.72 2.65 10.32
CA LEU F 102 -29.74 2.96 11.31
C LEU F 102 -30.90 2.01 11.13
N ALA F 103 -31.61 1.68 12.22
CA ALA F 103 -32.89 0.98 12.08
C ALA F 103 -34.01 1.91 11.53
N ASP F 104 -33.84 3.21 11.72
CA ASP F 104 -34.90 4.16 11.32
C ASP F 104 -34.21 5.41 10.79
N ILE F 105 -34.45 5.76 9.54
CA ILE F 105 -33.88 6.98 8.96
C ILE F 105 -34.15 8.29 9.80
N LYS F 106 -35.29 8.35 10.47
CA LYS F 106 -35.63 9.57 11.23
C LYS F 106 -34.61 9.86 12.34
N ASP F 107 -33.84 8.85 12.74
CA ASP F 107 -32.80 9.04 13.79
C ASP F 107 -31.50 9.66 13.26
N PHE F 108 -31.47 10.00 11.98
CA PHE F 108 -30.23 10.52 11.36
C PHE F 108 -29.69 11.75 12.09
N GLY F 109 -30.56 12.68 12.46
CA GLY F 109 -30.10 13.93 13.12
C GLY F 109 -29.45 13.66 14.49
N VAL F 110 -30.17 12.94 15.34
CA VAL F 110 -29.64 12.65 16.66
C VAL F 110 -28.39 11.76 16.61
N PHE F 111 -28.41 10.76 15.73
CA PHE F 111 -27.24 9.93 15.58
C PHE F 111 -26.04 10.79 15.19
N ASN F 112 -26.25 11.62 14.18
CA ASN F 112 -25.19 12.50 13.66
CA ASN F 112 -25.17 12.48 13.66
C ASN F 112 -24.55 13.37 14.72
N GLY F 113 -25.36 13.87 15.64
CA GLY F 113 -24.79 14.73 16.69
C GLY F 113 -23.86 13.95 17.62
N ILE F 114 -24.27 12.73 17.97
CA ILE F 114 -23.47 11.87 18.86
C ILE F 114 -22.18 11.36 18.17
N TYR F 115 -22.33 10.98 16.91
CA TYR F 115 -21.22 10.65 16.05
C TYR F 115 -20.19 11.78 15.97
N ALA F 116 -20.66 13.01 15.71
CA ALA F 116 -19.80 14.21 15.68
C ALA F 116 -19.06 14.43 17.01
N GLU F 117 -19.78 14.29 18.13
CA GLU F 117 -19.18 14.49 19.44
C GLU F 117 -18.06 13.45 19.66
N ALA F 118 -18.27 12.21 19.18
CA ALA F 118 -17.24 11.16 19.38
C ALA F 118 -15.98 11.40 18.53
N PHE F 119 -16.17 11.98 17.33
CA PHE F 119 -15.03 12.24 16.44
C PHE F 119 -14.36 13.60 16.69
N GLY F 120 -15.01 14.48 17.45
CA GLY F 120 -14.42 15.82 17.72
C GLY F 120 -14.25 16.54 16.41
N ASN F 121 -13.03 16.99 16.13
CA ASN F 121 -12.79 17.77 14.92
C ASN F 121 -12.42 16.89 13.72
N HIS F 122 -12.30 15.59 13.93
CA HIS F 122 -11.91 14.70 12.82
C HIS F 122 -13.13 14.34 11.99
N LYS F 123 -12.95 14.24 10.66
CA LYS F 123 -14.07 14.10 9.78
C LYS F 123 -13.85 12.98 8.72
N PRO F 124 -14.13 11.74 9.09
CA PRO F 124 -13.93 10.64 8.11
C PRO F 124 -14.87 10.80 6.92
N ALA F 125 -14.57 10.05 5.86
CA ALA F 125 -15.58 9.87 4.85
C ALA F 125 -16.69 9.02 5.48
N ARG F 126 -17.90 9.03 4.90
CA ARG F 126 -19.03 8.38 5.56
C ARG F 126 -20.09 7.97 4.55
N ALA F 127 -20.74 6.84 4.78
CA ALA F 127 -21.99 6.54 4.09
C ALA F 127 -23.00 6.17 5.14
N CYS F 128 -24.27 6.52 4.90
CA CYS F 128 -25.30 6.29 5.89
CA CYS F 128 -25.32 6.31 5.89
C CYS F 128 -26.56 5.81 5.21
N PHE F 129 -27.27 4.90 5.88
CA PHE F 129 -28.56 4.45 5.35
C PHE F 129 -29.33 3.75 6.44
N ALA F 130 -30.64 3.55 6.21
CA ALA F 130 -31.44 2.75 7.13
C ALA F 130 -31.57 1.34 6.57
N ALA F 131 -31.25 0.38 7.41
CA ALA F 131 -31.42 -1.03 7.06
C ALA F 131 -32.86 -1.47 7.37
N ALA F 132 -33.28 -2.58 6.76
CA ALA F 132 -34.56 -3.17 7.12
C ALA F 132 -34.53 -3.68 8.57
N ALA F 133 -33.39 -4.23 8.96
CA ALA F 133 -33.18 -4.77 10.33
C ALA F 133 -31.70 -4.88 10.59
N LEU F 134 -31.34 -4.77 11.88
CA LEU F 134 -29.95 -4.91 12.33
C LEU F 134 -29.85 -6.08 13.32
N PRO F 135 -28.64 -6.63 13.52
CA PRO F 135 -28.42 -7.75 14.47
C PRO F 135 -28.97 -7.44 15.86
N LYS F 136 -29.66 -8.42 16.44
CA LYS F 136 -30.27 -8.32 17.78
C LYS F 136 -31.27 -7.19 17.94
N GLY F 137 -31.87 -6.72 16.85
CA GLY F 137 -32.82 -5.57 16.95
C GLY F 137 -32.13 -4.25 17.32
N ALA F 138 -30.81 -4.17 17.13
CA ALA F 138 -30.07 -2.92 17.34
C ALA F 138 -30.65 -1.70 16.58
N LEU F 139 -30.57 -0.53 17.20
CA LEU F 139 -31.05 0.67 16.55
C LEU F 139 -30.02 1.29 15.62
N VAL F 140 -28.78 0.87 15.79
CA VAL F 140 -27.67 1.50 15.09
C VAL F 140 -26.49 0.54 15.04
N GLU F 141 -25.79 0.55 13.90
CA GLU F 141 -24.57 -0.23 13.76
C GLU F 141 -23.54 0.61 13.00
N VAL F 142 -22.26 0.61 13.42
CA VAL F 142 -21.29 1.41 12.67
C VAL F 142 -20.04 0.58 12.42
N GLU F 143 -19.56 0.59 11.18
CA GLU F 143 -18.27 -0.08 10.91
C GLU F 143 -17.30 0.98 10.39
N CYS F 144 -16.00 0.67 10.30
CA CYS F 144 -15.09 1.64 9.69
C CYS F 144 -13.81 1.01 9.18
N ILE F 145 -13.05 1.80 8.42
CA ILE F 145 -11.65 1.46 8.08
C ILE F 145 -10.82 2.57 8.67
N ALA F 146 -9.65 2.22 9.23
CA ALA F 146 -8.79 3.22 9.83
C ALA F 146 -7.35 2.87 9.47
N THR F 147 -6.44 3.79 9.73
CA THR F 147 -5.04 3.52 9.50
C THR F 147 -4.28 3.42 10.82
N LEU F 148 -3.13 2.74 10.80
CA LEU F 148 -2.23 2.80 11.95
C LEU F 148 -1.49 4.14 12.00
CAC FLC G . 25.62 -2.85 7.54
CA FLC G . 26.01 -3.59 8.80
CB FLC G . 25.09 -3.16 9.97
CBC FLC G . 25.10 -1.67 10.21
CG FLC G . 25.45 -3.90 11.27
CGC FLC G . 26.95 -3.99 11.54
OA1 FLC G . 24.80 -3.35 6.72
OA2 FLC G . 26.12 -1.72 7.37
OB1 FLC G . 24.21 -1.00 9.60
OB2 FLC G . 25.99 -1.17 10.98
OG1 FLC G . 27.71 -2.99 11.45
OG2 FLC G . 27.40 -5.11 11.87
OHB FLC G . 23.73 -3.48 9.60
C1 GOL H . 16.88 -2.83 0.45
O1 GOL H . 16.11 -1.69 0.85
C2 GOL H . 16.75 -3.01 -1.07
O2 GOL H . 17.75 -3.89 -1.58
C3 GOL H . 16.92 -1.69 -1.77
O3 GOL H . 16.78 -1.93 -3.15
CAC FLC I . 23.17 -5.59 -11.27
CA FLC I . 23.21 -6.37 -12.58
CB FLC I . 22.20 -7.53 -12.50
CBC FLC I . 22.52 -8.47 -11.35
CG FLC I . 22.03 -8.28 -13.84
CGC FLC I . 23.35 -8.69 -14.49
OA1 FLC I . 22.45 -4.56 -11.14
OA2 FLC I . 23.87 -6.04 -10.35
OB1 FLC I . 21.83 -8.34 -10.31
OB2 FLC I . 23.48 -9.28 -11.45
OG1 FLC I . 24.25 -9.15 -13.75
OG2 FLC I . 23.40 -8.60 -15.74
OHB FLC I . 20.95 -6.94 -12.16
S SO4 J . -2.16 6.97 -14.65
O1 SO4 J . -1.28 7.06 -15.81
O2 SO4 J . -1.57 7.70 -13.55
O3 SO4 J . -2.38 5.56 -14.35
O4 SO4 J . -3.44 7.59 -14.99
S SO4 K . 16.72 -13.74 -27.55
O1 SO4 K . 16.13 -12.49 -28.05
O2 SO4 K . 17.93 -13.41 -26.81
O3 SO4 K . 17.05 -14.56 -28.69
O4 SO4 K . 15.77 -14.44 -26.68
C1 GOL L . 15.89 0.64 -5.95
O1 GOL L . 15.06 -0.16 -5.12
C2 GOL L . 15.94 2.05 -5.38
O2 GOL L . 16.92 2.90 -5.98
C3 GOL L . 16.20 2.00 -3.87
O3 GOL L . 16.66 3.27 -3.47
CAC FLC M . 23.14 12.13 -4.21
CA FLC M . 23.28 13.64 -4.25
CB FLC M . 22.11 14.24 -5.06
CBC FLC M . 22.11 13.77 -6.51
CG FLC M . 22.16 15.78 -4.91
CGC FLC M . 23.47 16.47 -5.30
OA1 FLC M . 22.54 11.60 -3.27
OA2 FLC M . 23.63 11.45 -5.13
OB1 FLC M . 21.39 12.77 -6.75
OB2 FLC M . 22.77 14.38 -7.42
OG1 FLC M . 23.85 17.46 -4.63
OG2 FLC M . 24.12 16.05 -6.32
OHB FLC M . 20.87 13.75 -4.49
S SO4 N . 0.91 9.82 13.81
O1 SO4 N . 0.31 9.96 12.49
O2 SO4 N . 2.15 10.57 13.87
O3 SO4 N . 1.19 8.43 14.14
O4 SO4 N . -0.04 10.32 14.81
S SO4 O . 18.09 30.27 -1.59
O1 SO4 O . 18.92 30.00 -2.75
O2 SO4 O . 18.33 31.66 -1.14
O3 SO4 O . 18.47 29.41 -0.48
O4 SO4 O . 16.70 30.13 -1.98
C1 GOL P . 16.67 4.34 0.23
O1 GOL P . 15.78 3.85 -0.76
C2 GOL P . 16.78 3.28 1.31
O2 GOL P . 17.94 3.48 2.07
C3 GOL P . 16.80 1.91 0.63
O3 GOL P . 17.29 0.92 1.47
CAC FLC Q . -24.50 9.58 2.83
CA FLC Q . -24.83 11.04 2.69
CB FLC Q . -23.74 11.87 3.40
CBC FLC Q . -23.69 11.65 4.91
CG FLC Q . -23.89 13.36 3.01
CGC FLC Q . -25.28 13.99 3.18
OA1 FLC Q . -23.80 8.98 1.99
OA2 FLC Q . -24.94 9.00 3.81
OB1 FLC Q . -22.81 10.87 5.32
OB2 FLC Q . -24.49 12.24 5.72
OG1 FLC Q . -25.70 14.73 2.25
OG2 FLC Q . -25.94 13.75 4.23
OHB FLC Q . -22.47 11.43 2.89
S SO4 R . -21.34 27.45 -2.04
O1 SO4 R . -21.10 28.85 -2.41
O2 SO4 R . -20.29 27.06 -1.08
O3 SO4 R . -21.32 26.63 -3.27
O4 SO4 R . -22.63 27.26 -1.35
C1 GOL S . -16.92 2.13 -0.34
O1 GOL S . -16.12 2.07 0.83
C2 GOL S . -16.98 0.77 -1.02
O2 GOL S . -18.17 0.62 -1.75
C3 GOL S . -16.99 -0.33 0.01
O3 GOL S . -17.10 -1.54 -0.68
S SO4 T . 1.20 -16.93 1.43
O1 SO4 T . 1.33 -15.80 0.53
O2 SO4 T . 2.44 -17.71 1.37
O3 SO4 T . 0.08 -17.75 1.01
O4 SO4 T . 0.98 -16.48 2.80
CAC FLC U . -24.54 -7.29 -6.28
CA FLC U . -24.78 -8.22 -7.44
CB FLC U . -23.84 -7.80 -8.58
CBC FLC U . -24.16 -6.37 -8.98
CG FLC U . -23.95 -8.80 -9.73
CGC FLC U . -25.38 -9.18 -10.21
OA1 FLC U . -23.63 -7.53 -5.45
OA2 FLC U . -25.26 -6.29 -6.20
OB1 FLC U . -23.42 -5.44 -8.51
OB2 FLC U . -25.17 -6.14 -9.72
OG1 FLC U . -25.58 -10.37 -10.58
OG2 FLC U . -26.29 -8.31 -10.26
OHB FLC U . -22.47 -7.87 -8.09
C1 GOL V . -16.26 -5.03 0.86
O1 GOL V . -15.57 -3.88 0.37
C2 GOL V . -16.11 -5.05 2.37
O2 GOL V . -17.12 -5.81 3.00
C3 GOL V . -16.14 -3.62 2.90
O3 GOL V . -16.54 -3.60 4.25
S SO4 W . -15.92 -11.02 30.00
O1 SO4 W . -14.96 -11.81 29.24
O2 SO4 W . -15.53 -9.63 30.11
O3 SO4 W . -16.01 -11.56 31.34
O4 SO4 W . -17.24 -11.12 29.38
C1 GOL X . -15.88 -0.47 6.63
O1 GOL X . -15.17 -1.43 5.87
C2 GOL X . -16.03 0.82 5.79
O2 GOL X . -17.18 1.59 6.13
C3 GOL X . -16.01 0.55 4.29
O3 GOL X . -16.83 1.51 3.68
#